data_1CD1
#
_entry.id   1CD1
#
_cell.length_a   59.340
_cell.length_b   76.200
_cell.length_c   103.400
_cell.angle_alpha   90.00
_cell.angle_beta   102.29
_cell.angle_gamma   90.00
#
_symmetry.space_group_name_H-M   'P 1 21 1'
#
loop_
_entity.id
_entity.type
_entity.pdbx_description
1 polymer CD1
2 polymer CD1
#
loop_
_entity_poly.entity_id
_entity_poly.type
_entity_poly.pdbx_seq_one_letter_code
_entity_poly.pdbx_strand_id
1 'polypeptide(L)'
;QQKNYTFRCLQMSSFANRSWSRTDSVVWLGDLQTHRWSNDSATISFTKPWSQGKLSNQQWEKLQHMFQVYRVSFTRDIQE
LVKMMSPKEDYPIEIQLSAGCEMYPGNASESFLHVAFQGKYVVRFWGTSWQTVPGAPSWLDLPIKVLNADQGTSATVQML
LNDTCPLFVRGLLEAGKSDLEKQEKPVAWLSSVPSSAHGHRQLVCHVSGFYPKPVWVMWMRGDQEQQGTHRGDFLPNADE
TWYLQATLDVEAGEEAGLACRVKHSSLGGQDIILYWDARQAPVGLIVFIVLIMLVVVGAVVYYIWRRRSAYQDIR
;
A,C
2 'polypeptide(L)'
;IQKTPQIQVYSRHPPENGKPNILNCYVTQFHPPHIEIQMLKNGKKIPKVEMSDMSFSKDWSFYILAHTEFTPTETDTYAC
RVKHDSMAEPKTVYWDRDM
;
B,D
#
# COMPACT_ATOMS: atom_id res chain seq x y z
N ASN A 4 4.90 -4.61 13.06
CA ASN A 4 3.82 -3.94 13.85
C ASN A 4 2.53 -4.76 13.95
N TYR A 5 2.64 -6.08 14.24
CA TYR A 5 1.41 -6.91 14.36
C TYR A 5 1.40 -7.63 15.72
N THR A 6 0.20 -8.10 16.13
CA THR A 6 0.02 -8.83 17.41
C THR A 6 -0.44 -10.26 17.18
N PHE A 7 0.42 -11.24 17.42
CA PHE A 7 0.02 -12.63 17.26
C PHE A 7 -0.42 -13.21 18.52
N ARG A 8 -1.74 -13.57 18.55
CA ARG A 8 -2.30 -14.16 19.73
C ARG A 8 -2.98 -15.47 19.50
N CYS A 9 -2.86 -16.39 20.49
CA CYS A 9 -3.36 -17.69 20.36
C CYS A 9 -4.28 -17.91 21.63
N LEU A 10 -5.61 -17.69 21.56
CA LEU A 10 -6.47 -17.81 22.68
C LEU A 10 -6.98 -19.25 22.83
N GLN A 11 -6.76 -19.83 24.00
CA GLN A 11 -7.20 -21.11 24.32
C GLN A 11 -8.26 -21.04 25.35
N MET A 12 -9.29 -21.92 25.26
CA MET A 12 -10.43 -21.93 26.18
C MET A 12 -10.71 -23.34 26.62
N SER A 13 -10.51 -23.60 27.89
CA SER A 13 -10.76 -24.90 28.55
C SER A 13 -12.00 -24.75 29.41
N SER A 14 -12.92 -25.73 29.30
CA SER A 14 -14.13 -25.72 30.08
C SER A 14 -14.26 -26.99 30.82
N PHE A 15 -14.32 -26.99 32.15
CA PHE A 15 -14.44 -28.15 32.99
C PHE A 15 -15.68 -28.06 33.80
N ALA A 16 -16.72 -28.79 33.28
CA ALA A 16 -18.03 -28.81 33.98
C ALA A 16 -18.09 -29.87 35.06
N ASN A 17 -17.40 -30.96 34.85
CA ASN A 17 -17.40 -31.98 35.85
C ASN A 17 -16.27 -33.01 35.50
N ARG A 18 -16.02 -33.90 36.45
CA ARG A 18 -15.06 -34.96 36.40
C ARG A 18 -14.96 -35.69 35.09
N SER A 19 -16.00 -35.71 34.30
CA SER A 19 -16.05 -36.39 33.08
C SER A 19 -16.53 -35.54 31.85
N TRP A 20 -16.31 -34.27 31.83
CA TRP A 20 -16.72 -33.44 30.75
C TRP A 20 -15.89 -32.16 30.63
N SER A 21 -14.87 -32.24 29.85
CA SER A 21 -13.99 -31.10 29.64
C SER A 21 -13.86 -30.80 28.16
N ARG A 22 -13.71 -29.56 27.81
CA ARG A 22 -13.57 -29.15 26.43
C ARG A 22 -12.57 -27.98 26.30
N THR A 23 -11.56 -28.12 25.47
CA THR A 23 -10.58 -27.07 25.25
C THR A 23 -10.39 -26.79 23.78
N ASP A 24 -10.82 -25.69 23.32
CA ASP A 24 -10.68 -25.33 21.89
C ASP A 24 -9.74 -24.15 21.87
N SER A 25 -9.20 -23.75 20.68
CA SER A 25 -8.32 -22.61 20.61
C SER A 25 -8.48 -21.91 19.28
N VAL A 26 -7.87 -20.69 19.15
CA VAL A 26 -8.09 -19.98 17.94
C VAL A 26 -6.94 -18.93 17.81
N VAL A 27 -6.25 -18.83 16.73
CA VAL A 27 -5.15 -17.83 16.66
C VAL A 27 -5.44 -16.73 15.72
N TRP A 28 -4.93 -15.57 16.02
CA TRP A 28 -5.08 -14.33 15.25
C TRP A 28 -3.75 -13.77 14.96
N LEU A 29 -3.64 -13.11 13.76
CA LEU A 29 -2.46 -12.36 13.39
C LEU A 29 -3.14 -10.99 13.15
N GLY A 30 -3.03 -10.13 14.12
CA GLY A 30 -3.70 -8.82 13.95
C GLY A 30 -5.18 -9.13 14.07
N ASP A 31 -5.97 -8.77 13.00
CA ASP A 31 -7.33 -9.06 13.07
C ASP A 31 -7.75 -10.08 11.97
N LEU A 32 -6.83 -10.98 11.61
CA LEU A 32 -7.19 -12.03 10.64
C LEU A 32 -6.88 -13.31 11.33
N GLN A 33 -7.86 -14.22 11.39
CA GLN A 33 -7.65 -15.46 12.05
C GLN A 33 -6.82 -16.37 11.09
N THR A 34 -5.79 -16.98 11.70
CA THR A 34 -4.94 -17.84 10.92
C THR A 34 -5.12 -19.33 11.21
N HIS A 35 -5.61 -19.75 12.42
CA HIS A 35 -5.71 -21.15 12.81
C HIS A 35 -6.88 -21.40 13.67
N ARG A 36 -7.15 -22.73 13.90
CA ARG A 36 -8.22 -23.22 14.78
C ARG A 36 -7.81 -24.53 15.36
N TRP A 37 -8.23 -24.84 16.54
CA TRP A 37 -8.05 -26.20 17.10
C TRP A 37 -9.22 -26.59 18.01
N SER A 38 -10.19 -27.14 17.25
CA SER A 38 -11.44 -27.62 17.90
C SER A 38 -11.11 -28.80 18.81
N ASN A 39 -11.75 -28.90 19.90
CA ASN A 39 -11.46 -29.94 20.90
C ASN A 39 -11.50 -31.36 20.22
N ASP A 40 -12.44 -31.46 19.27
CA ASP A 40 -12.59 -32.72 18.54
C ASP A 40 -11.47 -33.01 17.51
N SER A 41 -10.85 -32.02 16.93
CA SER A 41 -9.80 -32.23 15.93
C SER A 41 -8.51 -32.60 16.70
N ALA A 42 -7.79 -33.63 16.15
CA ALA A 42 -6.51 -34.06 16.72
C ALA A 42 -5.34 -33.24 16.27
N THR A 43 -5.48 -32.44 15.18
CA THR A 43 -4.47 -31.58 14.70
C THR A 43 -4.92 -30.15 14.46
N ILE A 44 -4.04 -29.15 14.55
CA ILE A 44 -4.39 -27.76 14.35
C ILE A 44 -4.70 -27.57 12.83
N SER A 45 -5.89 -26.88 12.63
CA SER A 45 -6.30 -26.62 11.27
C SER A 45 -5.93 -25.25 10.85
N PHE A 46 -5.45 -25.01 9.64
CA PHE A 46 -5.08 -23.70 9.18
C PHE A 46 -6.45 -23.12 8.67
N THR A 47 -6.55 -21.82 8.78
CA THR A 47 -7.74 -21.10 8.32
C THR A 47 -7.24 -20.06 7.32
N LYS A 48 -6.07 -20.38 6.70
CA LYS A 48 -5.42 -19.45 5.69
C LYS A 48 -4.52 -20.33 4.93
N PRO A 49 -4.20 -19.91 3.63
CA PRO A 49 -3.30 -20.71 2.79
C PRO A 49 -1.93 -20.79 3.40
N TRP A 50 -1.47 -19.55 3.89
CA TRP A 50 -0.20 -19.41 4.49
C TRP A 50 -0.09 -19.46 5.99
N SER A 51 -0.86 -20.27 6.63
CA SER A 51 -0.80 -20.31 8.12
C SER A 51 0.27 -21.18 8.67
N GLN A 52 1.13 -21.78 7.83
CA GLN A 52 2.19 -22.64 8.26
C GLN A 52 3.44 -21.76 8.31
N GLY A 53 3.26 -20.47 7.97
CA GLY A 53 4.41 -19.56 7.99
C GLY A 53 5.44 -20.01 6.94
N LYS A 54 6.74 -19.99 7.33
CA LYS A 54 7.79 -20.45 6.41
C LYS A 54 8.31 -21.73 7.06
N LEU A 55 7.56 -22.37 7.84
CA LEU A 55 7.87 -23.64 8.53
C LEU A 55 7.84 -24.86 7.60
N SER A 56 8.84 -25.69 7.74
CA SER A 56 8.97 -26.90 6.90
C SER A 56 7.92 -27.82 7.60
N ASN A 57 7.25 -28.65 6.78
CA ASN A 57 6.25 -29.59 7.35
C ASN A 57 6.91 -30.23 8.54
N GLN A 58 7.89 -31.04 8.29
CA GLN A 58 8.65 -31.78 9.33
C GLN A 58 8.83 -30.95 10.59
N GLN A 59 9.05 -29.66 10.44
CA GLN A 59 9.17 -28.81 11.67
C GLN A 59 7.89 -28.38 12.19
N TRP A 60 6.87 -28.14 11.31
CA TRP A 60 5.52 -27.75 11.76
C TRP A 60 4.84 -28.85 12.49
N GLU A 61 5.04 -30.10 11.94
CA GLU A 61 4.52 -31.30 12.41
C GLU A 61 5.09 -31.68 13.76
N LYS A 62 6.36 -31.32 13.97
CA LYS A 62 7.00 -31.58 15.18
C LYS A 62 6.52 -30.60 16.23
N LEU A 63 6.16 -29.38 15.74
CA LEU A 63 5.62 -28.36 16.64
C LEU A 63 4.27 -28.67 17.10
N GLN A 64 3.40 -29.12 16.21
CA GLN A 64 1.99 -29.46 16.47
C GLN A 64 1.99 -30.59 17.39
N HIS A 65 3.02 -31.48 17.36
CA HIS A 65 3.01 -32.68 18.24
C HIS A 65 3.07 -32.07 19.66
N MET A 66 3.89 -31.06 19.88
CA MET A 66 4.05 -30.48 21.20
C MET A 66 2.70 -30.23 21.81
N PHE A 67 1.84 -29.54 21.09
CA PHE A 67 0.49 -29.14 21.54
C PHE A 67 -0.44 -30.27 21.73
N GLN A 68 -0.23 -31.31 20.92
CA GLN A 68 -1.05 -32.46 21.00
C GLN A 68 -0.71 -33.09 22.33
N VAL A 69 0.54 -32.99 22.75
CA VAL A 69 1.00 -33.51 24.07
C VAL A 69 0.62 -32.64 25.23
N TYR A 70 0.84 -31.29 24.99
CA TYR A 70 0.46 -30.34 26.05
C TYR A 70 -0.99 -30.49 26.45
N ARG A 71 -1.93 -30.52 25.42
CA ARG A 71 -3.32 -30.60 25.62
C ARG A 71 -3.78 -31.79 26.55
N VAL A 72 -3.63 -33.02 26.10
CA VAL A 72 -3.98 -34.17 26.84
C VAL A 72 -3.46 -34.03 28.28
N SER A 73 -2.38 -33.28 28.43
CA SER A 73 -1.74 -33.04 29.73
C SER A 73 -2.23 -31.92 30.61
N PHE A 74 -2.25 -30.73 30.12
CA PHE A 74 -2.79 -29.59 30.85
C PHE A 74 -4.16 -30.02 31.35
N THR A 75 -4.87 -30.64 30.40
CA THR A 75 -6.24 -31.13 30.72
C THR A 75 -6.28 -32.14 31.84
N ARG A 76 -5.35 -33.12 31.83
CA ARG A 76 -5.29 -34.10 32.90
C ARG A 76 -4.84 -33.48 34.26
N ASP A 77 -3.86 -32.49 34.12
CA ASP A 77 -3.37 -31.88 35.35
C ASP A 77 -4.38 -30.97 35.96
N ILE A 78 -5.32 -30.44 35.21
CA ILE A 78 -6.28 -29.55 35.82
C ILE A 78 -7.09 -30.42 36.79
N GLN A 79 -7.39 -31.66 36.41
CA GLN A 79 -8.15 -32.55 37.26
C GLN A 79 -7.39 -32.73 38.58
N GLU A 80 -6.12 -32.86 38.56
CA GLU A 80 -5.41 -33.03 39.87
C GLU A 80 -5.54 -31.62 40.59
N LEU A 81 -5.31 -30.57 39.87
CA LEU A 81 -5.45 -29.22 40.41
C LEU A 81 -6.73 -28.99 41.16
N VAL A 82 -7.85 -29.31 40.51
CA VAL A 82 -9.15 -29.06 41.00
C VAL A 82 -9.49 -29.73 42.38
N LYS A 83 -8.86 -30.96 42.57
CA LYS A 83 -9.09 -31.66 43.84
C LYS A 83 -8.53 -30.87 44.98
N MET A 84 -7.53 -30.01 44.62
CA MET A 84 -6.79 -29.21 45.58
C MET A 84 -7.46 -27.79 45.50
N MET A 85 -8.76 -27.82 45.26
CA MET A 85 -9.43 -26.53 45.21
C MET A 85 -10.29 -26.06 46.36
N SER A 86 -9.65 -25.62 47.41
CA SER A 86 -10.35 -25.14 48.51
C SER A 86 -9.99 -23.65 48.45
N PRO A 87 -10.85 -22.79 49.09
CA PRO A 87 -12.03 -23.22 49.80
C PRO A 87 -13.14 -23.21 48.72
N LYS A 88 -13.00 -22.44 47.74
CA LYS A 88 -13.86 -22.24 46.65
C LYS A 88 -14.01 -23.49 45.79
N GLU A 89 -14.51 -24.51 46.53
CA GLU A 89 -14.77 -25.73 45.76
C GLU A 89 -15.94 -25.39 44.90
N ASP A 90 -15.70 -25.27 43.62
CA ASP A 90 -16.73 -24.89 42.58
C ASP A 90 -16.55 -25.45 41.16
N TYR A 91 -16.61 -26.76 41.10
CA TYR A 91 -16.27 -27.43 39.81
C TYR A 91 -16.45 -26.80 38.44
N PRO A 92 -17.58 -26.17 38.08
CA PRO A 92 -17.74 -25.60 36.79
C PRO A 92 -16.61 -24.54 36.52
N ILE A 93 -15.38 -25.02 36.09
CA ILE A 93 -14.30 -24.13 35.93
C ILE A 93 -14.05 -23.75 34.43
N GLU A 94 -14.00 -22.48 34.19
CA GLU A 94 -13.73 -21.92 32.85
C GLU A 94 -12.38 -21.19 32.98
N ILE A 95 -11.39 -21.65 32.17
CA ILE A 95 -10.11 -21.08 32.13
C ILE A 95 -9.75 -20.73 30.68
N GLN A 96 -9.20 -19.49 30.52
CA GLN A 96 -8.75 -18.92 29.26
C GLN A 96 -7.27 -18.68 29.36
N LEU A 97 -6.61 -18.77 28.27
CA LEU A 97 -5.13 -18.52 28.23
C LEU A 97 -4.72 -17.70 27.02
N SER A 98 -4.38 -16.48 27.28
CA SER A 98 -3.90 -15.66 26.09
C SER A 98 -2.38 -15.56 26.10
N ALA A 99 -1.81 -16.12 25.01
CA ALA A 99 -0.31 -16.19 24.74
C ALA A 99 0.00 -15.76 23.32
N GLY A 100 1.21 -15.17 23.14
CA GLY A 100 1.53 -14.76 21.85
C GLY A 100 2.63 -13.70 21.96
N CYS A 101 2.83 -12.94 20.86
CA CYS A 101 3.86 -11.98 20.86
C CYS A 101 3.65 -10.77 19.90
N GLU A 102 3.78 -9.57 20.46
CA GLU A 102 3.62 -8.34 19.68
C GLU A 102 4.91 -8.11 18.98
N MET A 103 4.79 -8.07 17.60
CA MET A 103 5.95 -7.94 16.77
C MET A 103 6.34 -6.51 16.41
N TYR A 104 7.46 -5.99 16.95
CA TYR A 104 7.91 -4.65 16.68
C TYR A 104 9.03 -4.75 15.65
N PRO A 105 9.19 -3.74 14.87
CA PRO A 105 10.29 -3.57 13.77
C PRO A 105 11.67 -3.34 14.36
N GLY A 106 11.85 -2.14 14.93
CA GLY A 106 13.18 -1.82 15.42
C GLY A 106 13.41 -2.53 16.76
N ASN A 107 12.44 -2.40 17.60
CA ASN A 107 12.45 -2.99 18.93
C ASN A 107 12.47 -4.58 18.70
N ALA A 108 12.51 -5.29 19.82
CA ALA A 108 12.38 -6.77 19.73
C ALA A 108 10.96 -7.02 19.65
N SER A 109 10.57 -8.26 19.89
CA SER A 109 9.15 -8.59 19.90
C SER A 109 8.81 -8.69 21.41
N GLU A 110 7.55 -8.64 21.79
CA GLU A 110 7.20 -8.73 23.17
C GLU A 110 6.32 -9.94 23.33
N SER A 111 6.73 -10.81 24.23
CA SER A 111 5.91 -12.04 24.40
C SER A 111 5.01 -11.95 25.66
N PHE A 112 3.93 -12.78 25.73
CA PHE A 112 3.03 -12.81 26.89
C PHE A 112 2.31 -14.13 27.04
N LEU A 113 1.89 -14.32 28.31
CA LEU A 113 1.13 -15.57 28.63
C LEU A 113 0.27 -15.11 29.77
N HIS A 114 -1.02 -14.96 29.54
CA HIS A 114 -1.89 -14.56 30.63
C HIS A 114 -2.82 -15.68 30.82
N VAL A 115 -3.17 -15.90 32.11
CA VAL A 115 -4.20 -16.99 32.40
C VAL A 115 -5.36 -16.49 33.30
N ALA A 116 -6.62 -16.65 32.83
CA ALA A 116 -7.79 -16.21 33.54
C ALA A 116 -8.47 -17.43 34.18
N PHE A 117 -8.87 -17.31 35.44
CA PHE A 117 -9.55 -18.41 36.05
C PHE A 117 -10.94 -17.80 36.36
N GLN A 118 -12.03 -18.53 35.96
CA GLN A 118 -13.37 -17.99 36.11
C GLN A 118 -13.44 -16.61 35.62
N GLY A 119 -12.85 -16.41 34.43
CA GLY A 119 -12.87 -15.03 33.82
C GLY A 119 -12.08 -13.97 34.47
N LYS A 120 -11.50 -14.21 35.66
CA LYS A 120 -10.59 -13.19 36.32
C LYS A 120 -9.19 -13.61 36.02
N TYR A 121 -8.33 -12.58 35.72
CA TYR A 121 -6.96 -12.80 35.42
C TYR A 121 -6.26 -13.09 36.76
N VAL A 122 -5.51 -14.21 36.83
CA VAL A 122 -4.88 -14.60 38.07
C VAL A 122 -3.41 -15.05 38.05
N VAL A 123 -2.88 -15.47 36.91
CA VAL A 123 -1.53 -15.95 36.80
C VAL A 123 -0.88 -15.57 35.51
N ARG A 124 0.46 -15.54 35.52
CA ARG A 124 1.29 -15.15 34.31
C ARG A 124 2.61 -15.95 34.23
N PHE A 125 3.23 -16.01 33.13
CA PHE A 125 4.52 -16.60 33.06
C PHE A 125 5.35 -15.32 32.93
N TRP A 126 6.46 -15.20 33.70
CA TRP A 126 7.29 -14.05 33.74
C TRP A 126 8.78 -14.32 33.74
N GLY A 127 9.47 -14.15 32.57
CA GLY A 127 10.84 -14.38 32.53
C GLY A 127 11.22 -15.91 32.66
N THR A 128 11.17 -16.47 33.84
CA THR A 128 11.50 -17.86 34.05
C THR A 128 10.63 -18.59 34.97
N SER A 129 9.59 -17.92 35.51
CA SER A 129 8.74 -18.60 36.48
C SER A 129 7.33 -18.03 36.34
N TRP A 130 6.37 -18.96 36.66
CA TRP A 130 4.94 -18.64 36.61
C TRP A 130 4.60 -17.97 37.91
N GLN A 131 3.86 -16.84 37.84
CA GLN A 131 3.47 -16.09 39.03
C GLN A 131 2.07 -15.53 39.16
N THR A 132 1.54 -15.75 40.36
CA THR A 132 0.19 -15.36 40.81
C THR A 132 0.16 -13.82 40.73
N VAL A 133 -0.89 -13.33 40.04
CA VAL A 133 -0.99 -11.88 39.85
C VAL A 133 -1.98 -11.52 41.00
N PRO A 134 -1.85 -10.24 41.47
CA PRO A 134 -2.70 -9.65 42.57
C PRO A 134 -4.23 -9.81 42.39
N GLY A 135 -4.85 -10.25 43.39
CA GLY A 135 -6.27 -10.50 43.30
C GLY A 135 -6.46 -12.02 43.16
N ALA A 136 -5.43 -12.77 42.70
CA ALA A 136 -5.56 -14.19 42.53
C ALA A 136 -5.68 -14.86 43.86
N PRO A 137 -6.64 -15.72 43.97
CA PRO A 137 -6.99 -16.45 45.29
C PRO A 137 -5.85 -17.15 45.86
N SER A 138 -5.96 -17.19 47.27
CA SER A 138 -4.98 -17.79 48.12
C SER A 138 -4.37 -19.17 47.78
N TRP A 139 -5.21 -20.10 47.36
CA TRP A 139 -4.72 -21.51 47.08
C TRP A 139 -3.77 -21.56 45.89
N LEU A 140 -4.03 -20.84 44.81
CA LEU A 140 -3.18 -20.91 43.67
C LEU A 140 -1.72 -20.80 43.93
N ASP A 141 -1.35 -20.35 45.14
CA ASP A 141 0.03 -20.21 45.50
C ASP A 141 0.87 -21.44 45.68
N LEU A 142 0.24 -22.55 46.17
CA LEU A 142 0.98 -23.82 46.39
C LEU A 142 1.08 -24.54 45.08
N PRO A 143 0.05 -24.43 44.26
CA PRO A 143 0.17 -25.10 42.99
C PRO A 143 1.30 -24.45 42.15
N ILE A 144 1.30 -23.10 41.93
CA ILE A 144 2.33 -22.48 41.13
C ILE A 144 3.73 -22.69 41.66
N LYS A 145 3.76 -22.90 43.03
CA LYS A 145 5.18 -23.05 43.61
C LYS A 145 5.65 -24.45 43.20
N VAL A 146 4.79 -25.39 43.15
CA VAL A 146 5.15 -26.82 42.80
C VAL A 146 5.24 -26.95 41.25
N LEU A 147 4.68 -26.04 40.57
CA LEU A 147 4.73 -26.05 39.10
C LEU A 147 6.06 -25.42 38.74
N ASN A 148 6.45 -24.36 39.45
CA ASN A 148 7.62 -23.70 39.17
C ASN A 148 8.90 -24.54 39.30
N ALA A 149 8.74 -25.85 39.73
CA ALA A 149 9.91 -26.73 39.91
C ALA A 149 10.17 -27.57 38.59
N ASP A 150 9.25 -27.43 37.71
CA ASP A 150 9.36 -28.16 36.40
C ASP A 150 10.27 -27.37 35.41
N GLN A 151 11.55 -27.65 35.56
CA GLN A 151 12.52 -26.94 34.67
C GLN A 151 12.34 -27.12 33.21
N GLY A 152 11.94 -28.32 32.81
CA GLY A 152 11.74 -28.62 31.39
C GLY A 152 10.62 -27.74 30.83
N THR A 153 9.47 -27.74 31.48
CA THR A 153 8.28 -27.02 31.03
C THR A 153 8.70 -25.49 30.89
N SER A 154 9.23 -24.95 31.96
CA SER A 154 9.58 -23.59 32.06
C SER A 154 10.73 -23.32 31.07
N ALA A 155 11.47 -24.30 30.70
CA ALA A 155 12.56 -24.07 29.65
C ALA A 155 11.78 -24.07 28.31
N THR A 156 11.06 -25.11 28.00
CA THR A 156 10.22 -25.23 26.81
C THR A 156 9.32 -23.99 26.62
N VAL A 157 8.92 -23.35 27.71
CA VAL A 157 8.06 -22.19 27.62
C VAL A 157 8.82 -21.00 27.27
N GLN A 158 10.09 -20.84 27.86
CA GLN A 158 10.90 -19.74 27.59
C GLN A 158 11.34 -19.80 26.13
N MET A 159 11.27 -21.02 25.59
CA MET A 159 11.64 -21.19 24.16
C MET A 159 10.52 -20.74 23.27
N LEU A 160 9.36 -21.29 23.52
CA LEU A 160 8.18 -20.93 22.65
C LEU A 160 7.93 -19.46 22.69
N LEU A 161 7.91 -19.00 23.96
CA LEU A 161 7.65 -17.67 24.30
C LEU A 161 8.65 -16.67 23.63
N ASN A 162 9.90 -16.82 24.13
CA ASN A 162 11.02 -15.94 23.72
C ASN A 162 11.44 -16.12 22.30
N ASP A 163 11.83 -17.30 21.88
CA ASP A 163 12.42 -17.60 20.58
C ASP A 163 11.55 -18.10 19.38
N THR A 164 10.74 -19.13 19.56
CA THR A 164 9.86 -19.71 18.57
C THR A 164 8.81 -18.65 18.02
N CYS A 165 8.12 -18.04 18.96
CA CYS A 165 7.07 -17.05 18.50
C CYS A 165 7.45 -16.03 17.56
N PRO A 166 8.59 -15.31 17.71
CA PRO A 166 8.90 -14.33 16.70
C PRO A 166 9.36 -14.98 15.35
N LEU A 167 10.04 -16.15 15.48
CA LEU A 167 10.49 -16.87 14.35
C LEU A 167 9.31 -17.22 13.51
N PHE A 168 8.34 -17.72 14.15
CA PHE A 168 7.16 -18.08 13.43
C PHE A 168 6.52 -16.83 12.84
N VAL A 169 6.01 -15.95 13.65
CA VAL A 169 5.37 -14.71 13.19
C VAL A 169 6.00 -13.95 12.03
N ARG A 170 7.30 -13.83 11.93
CA ARG A 170 7.83 -13.04 10.76
C ARG A 170 7.48 -13.82 9.45
N GLY A 171 7.70 -15.17 9.50
CA GLY A 171 7.36 -16.02 8.43
C GLY A 171 5.97 -15.69 7.86
N LEU A 172 5.01 -15.57 8.83
CA LEU A 172 3.68 -15.21 8.45
C LEU A 172 3.55 -13.80 7.82
N LEU A 173 4.07 -12.77 8.43
CA LEU A 173 3.98 -11.50 7.84
C LEU A 173 4.59 -11.56 6.48
N GLU A 174 5.45 -12.58 6.27
CA GLU A 174 6.05 -12.70 4.99
C GLU A 174 5.11 -13.37 4.02
N ALA A 175 4.52 -14.48 4.39
CA ALA A 175 3.69 -15.26 3.40
C ALA A 175 2.30 -14.57 3.36
N GLY A 176 1.88 -14.06 4.49
CA GLY A 176 0.55 -13.46 4.56
C GLY A 176 0.46 -12.12 3.89
N LYS A 177 1.63 -11.45 3.75
CA LYS A 177 1.72 -10.11 3.17
C LYS A 177 0.60 -9.78 2.19
N SER A 178 0.20 -10.82 1.48
CA SER A 178 -0.89 -10.69 0.50
C SER A 178 -2.29 -10.29 1.06
N ASP A 179 -2.75 -10.96 2.09
CA ASP A 179 -3.99 -10.67 2.65
C ASP A 179 -4.08 -9.69 3.75
N LEU A 180 -2.86 -9.39 4.30
CA LEU A 180 -2.78 -8.39 5.36
C LEU A 180 -2.69 -6.98 4.70
N GLU A 181 -2.24 -6.99 3.43
CA GLU A 181 -2.16 -5.76 2.75
C GLU A 181 -3.35 -5.47 1.84
N LYS A 182 -4.32 -6.32 1.82
CA LYS A 182 -5.51 -6.10 0.99
C LYS A 182 -6.27 -4.80 1.45
N GLN A 183 -6.58 -4.01 0.40
CA GLN A 183 -7.30 -2.72 0.61
C GLN A 183 -8.68 -3.03 0.10
N GLU A 184 -9.63 -3.36 1.01
CA GLU A 184 -11.02 -3.61 0.56
C GLU A 184 -11.91 -2.37 0.63
N LYS A 185 -12.66 -2.16 -0.38
CA LYS A 185 -13.56 -0.98 -0.50
C LYS A 185 -14.94 -1.11 0.23
N PRO A 186 -15.33 0.00 0.87
CA PRO A 186 -16.64 0.04 1.62
C PRO A 186 -17.80 0.45 0.81
N VAL A 187 -18.99 0.15 1.35
CA VAL A 187 -20.32 0.53 0.85
C VAL A 187 -20.98 1.31 1.93
N ALA A 188 -21.92 2.20 1.58
CA ALA A 188 -22.60 3.05 2.56
C ALA A 188 -23.98 3.30 2.21
N TRP A 189 -24.83 3.45 3.26
CA TRP A 189 -26.27 3.71 3.02
C TRP A 189 -26.71 4.42 4.29
N LEU A 190 -27.76 5.32 4.18
CA LEU A 190 -28.26 6.06 5.29
C LEU A 190 -29.62 5.63 5.65
N SER A 191 -30.05 5.95 6.91
CA SER A 191 -31.34 5.63 7.39
C SER A 191 -31.50 6.49 8.64
N SER A 192 -32.79 6.88 8.97
CA SER A 192 -33.07 7.67 10.11
C SER A 192 -34.09 6.98 10.98
N VAL A 193 -33.86 7.16 12.32
CA VAL A 193 -34.71 6.53 13.34
C VAL A 193 -35.19 7.65 14.21
N PRO A 194 -36.57 7.69 14.50
CA PRO A 194 -37.06 8.74 15.33
C PRO A 194 -36.63 8.47 16.83
N SER A 195 -36.56 9.56 17.54
CA SER A 195 -36.13 9.34 18.95
C SER A 195 -37.29 9.15 19.86
N SER A 196 -37.04 9.45 21.16
CA SER A 196 -38.07 9.32 22.18
C SER A 196 -39.30 10.23 21.86
N ALA A 197 -40.19 10.39 22.76
CA ALA A 197 -41.36 11.28 22.44
C ALA A 197 -40.96 12.77 22.12
N HIS A 198 -40.71 12.95 20.89
CA HIS A 198 -40.34 14.33 20.35
C HIS A 198 -39.94 14.36 18.92
N GLY A 199 -40.27 15.45 18.23
CA GLY A 199 -39.92 15.67 16.80
C GLY A 199 -38.46 15.94 16.50
N HIS A 200 -37.63 14.96 16.86
CA HIS A 200 -36.13 15.09 16.61
C HIS A 200 -35.70 13.63 16.26
N ARG A 201 -35.33 13.40 15.05
CA ARG A 201 -34.96 12.02 14.75
C ARG A 201 -33.45 11.95 14.61
N GLN A 202 -32.90 10.76 14.40
CA GLN A 202 -31.40 10.68 14.27
C GLN A 202 -31.01 10.00 13.00
N LEU A 203 -30.19 10.74 12.20
CA LEU A 203 -29.68 10.21 10.96
C LEU A 203 -28.52 9.20 11.18
N VAL A 204 -28.53 8.16 10.40
CA VAL A 204 -27.62 7.04 10.54
C VAL A 204 -26.86 6.74 9.35
N CYS A 205 -25.58 6.60 9.46
CA CYS A 205 -24.70 6.32 8.33
C CYS A 205 -24.08 4.97 8.57
N HIS A 206 -24.32 4.01 7.73
CA HIS A 206 -23.75 2.67 7.83
C HIS A 206 -22.74 2.55 6.73
N VAL A 207 -21.60 1.98 7.15
CA VAL A 207 -20.48 1.82 6.21
C VAL A 207 -20.04 0.40 6.45
N SER A 208 -19.93 -0.41 5.36
CA SER A 208 -19.54 -1.82 5.58
C SER A 208 -18.74 -2.32 4.38
N GLY A 209 -17.92 -3.36 4.67
CA GLY A 209 -17.07 -4.01 3.66
C GLY A 209 -15.74 -3.46 3.50
N PHE A 210 -15.29 -2.56 4.40
CA PHE A 210 -13.96 -2.02 4.37
C PHE A 210 -12.94 -2.81 5.10
N TYR A 211 -11.65 -2.68 4.74
CA TYR A 211 -10.51 -3.32 5.36
C TYR A 211 -9.26 -2.79 4.75
N PRO A 212 -8.25 -2.50 5.60
CA PRO A 212 -8.19 -2.60 7.04
C PRO A 212 -9.10 -1.80 7.88
N LYS A 213 -9.07 -2.07 9.19
CA LYS A 213 -9.92 -1.40 10.20
C LYS A 213 -10.01 0.15 10.12
N PRO A 214 -8.88 0.89 10.14
CA PRO A 214 -8.87 2.36 10.02
C PRO A 214 -9.75 3.01 8.99
N VAL A 215 -10.85 3.64 9.46
CA VAL A 215 -11.83 4.37 8.58
C VAL A 215 -12.31 5.63 9.29
N TRP A 216 -12.59 6.65 8.43
CA TRP A 216 -13.01 7.97 8.93
C TRP A 216 -14.48 8.07 8.41
N VAL A 217 -15.37 8.37 9.29
CA VAL A 217 -16.76 8.56 8.88
C VAL A 217 -17.13 9.78 9.75
N MET A 218 -18.02 10.58 9.24
CA MET A 218 -18.40 11.82 9.84
C MET A 218 -19.49 12.58 9.06
N TRP A 219 -20.41 13.21 9.77
CA TRP A 219 -21.49 13.90 9.07
C TRP A 219 -21.05 15.31 8.72
N MET A 220 -21.39 15.80 7.56
CA MET A 220 -20.96 17.10 6.98
C MET A 220 -22.14 17.87 6.57
N ARG A 221 -21.92 19.20 6.59
CA ARG A 221 -22.91 20.17 6.15
C ARG A 221 -21.93 21.01 5.22
N GLY A 222 -21.85 20.59 4.01
CA GLY A 222 -20.92 21.37 3.15
C GLY A 222 -19.48 20.97 3.55
N ASP A 223 -18.70 21.98 4.02
CA ASP A 223 -17.31 21.78 4.42
C ASP A 223 -17.37 21.66 5.92
N GLN A 224 -18.53 22.12 6.50
CA GLN A 224 -18.82 22.05 7.95
C GLN A 224 -18.92 20.66 8.48
N GLU A 225 -18.01 20.33 9.35
CA GLU A 225 -18.05 19.03 10.00
C GLU A 225 -19.00 19.07 11.19
N GLN A 226 -19.80 18.04 11.37
CA GLN A 226 -20.71 18.07 12.44
C GLN A 226 -20.15 17.51 13.65
N GLN A 227 -19.86 18.45 14.64
CA GLN A 227 -19.45 17.94 15.94
C GLN A 227 -20.77 17.42 16.41
N GLY A 228 -20.80 16.19 16.97
CA GLY A 228 -22.05 15.66 17.44
C GLY A 228 -22.25 14.29 16.85
N THR A 229 -21.60 14.09 15.67
CA THR A 229 -21.68 12.75 15.03
C THR A 229 -21.06 11.79 15.99
N HIS A 230 -21.64 10.70 16.22
CA HIS A 230 -21.14 9.66 17.19
C HIS A 230 -20.88 8.33 16.59
N ARG A 231 -19.63 8.02 16.44
CA ARG A 231 -19.22 6.71 15.79
C ARG A 231 -19.33 5.55 16.76
N GLY A 232 -19.99 4.51 16.33
CA GLY A 232 -20.13 3.29 17.12
C GLY A 232 -19.04 2.26 17.02
N ASP A 233 -19.36 1.00 17.41
CA ASP A 233 -18.45 -0.12 17.42
C ASP A 233 -18.17 -0.70 16.05
N PHE A 234 -16.99 -1.25 15.94
CA PHE A 234 -16.54 -1.90 14.73
C PHE A 234 -17.10 -3.33 14.87
N LEU A 235 -18.06 -3.63 14.04
CA LEU A 235 -18.68 -4.90 14.01
C LEU A 235 -18.12 -5.58 12.82
N PRO A 236 -17.78 -6.91 12.94
CA PRO A 236 -17.23 -7.78 11.88
C PRO A 236 -18.26 -8.24 10.89
N ASN A 237 -17.74 -8.91 9.82
CA ASN A 237 -18.57 -9.49 8.71
C ASN A 237 -17.97 -10.88 8.52
N ALA A 238 -18.69 -11.77 7.90
CA ALA A 238 -18.14 -13.07 7.73
C ALA A 238 -16.89 -13.16 6.79
N ASP A 239 -16.73 -12.15 6.01
CA ASP A 239 -15.60 -12.13 5.08
C ASP A 239 -14.38 -11.38 5.69
N GLU A 240 -14.38 -11.32 6.96
CA GLU A 240 -13.29 -10.62 7.62
C GLU A 240 -13.12 -9.18 7.28
N THR A 241 -14.19 -8.46 7.03
CA THR A 241 -14.19 -7.04 6.74
C THR A 241 -14.80 -6.34 7.90
N TRP A 242 -15.08 -5.04 7.93
CA TRP A 242 -15.64 -4.29 9.03
C TRP A 242 -16.93 -3.56 8.81
N TYR A 243 -17.65 -3.27 9.89
CA TYR A 243 -18.86 -2.51 9.87
C TYR A 243 -18.78 -1.44 10.84
N LEU A 244 -19.31 -0.24 10.54
CA LEU A 244 -19.29 0.85 11.50
C LEU A 244 -20.40 1.79 10.98
N GLN A 245 -21.03 2.44 11.97
CA GLN A 245 -22.09 3.37 11.60
C GLN A 245 -22.05 4.52 12.48
N ALA A 246 -22.14 5.73 11.85
CA ALA A 246 -22.06 7.00 12.57
C ALA A 246 -23.45 7.69 12.54
N THR A 247 -24.00 7.98 13.71
CA THR A 247 -25.28 8.63 13.84
C THR A 247 -25.14 10.09 14.20
N LEU A 248 -26.25 10.83 14.06
CA LEU A 248 -26.28 12.29 14.33
C LEU A 248 -27.69 12.65 14.71
N ASP A 249 -27.82 13.19 15.87
CA ASP A 249 -29.17 13.52 16.28
C ASP A 249 -29.48 14.79 15.72
N VAL A 250 -30.50 14.96 14.93
CA VAL A 250 -30.86 16.26 14.37
C VAL A 250 -32.19 16.69 14.99
N GLU A 251 -32.75 17.67 14.23
CA GLU A 251 -33.97 18.28 14.64
C GLU A 251 -34.57 18.41 13.22
N ALA A 252 -35.83 18.18 13.09
CA ALA A 252 -36.49 18.26 11.74
C ALA A 252 -36.18 19.67 11.06
N GLY A 253 -36.49 19.83 9.80
CA GLY A 253 -36.30 21.02 9.16
C GLY A 253 -34.87 21.06 8.54
N GLU A 254 -33.94 21.11 9.44
CA GLU A 254 -32.55 21.21 8.98
C GLU A 254 -31.71 19.94 8.84
N GLU A 255 -32.33 18.95 8.21
CA GLU A 255 -31.67 17.74 7.90
C GLU A 255 -31.27 17.89 6.44
N ALA A 256 -31.82 18.86 5.82
CA ALA A 256 -31.52 19.17 4.42
C ALA A 256 -30.12 19.83 4.24
N GLY A 257 -29.27 19.15 3.48
CA GLY A 257 -27.94 19.65 3.29
C GLY A 257 -26.87 18.83 4.02
N LEU A 258 -27.28 18.07 5.01
CA LEU A 258 -26.38 17.24 5.78
C LEU A 258 -25.95 16.08 4.85
N ALA A 259 -24.89 15.35 5.10
CA ALA A 259 -24.46 14.24 4.35
C ALA A 259 -23.33 13.41 4.95
N CYS A 260 -23.05 12.28 4.37
CA CYS A 260 -21.99 11.41 4.93
C CYS A 260 -20.80 11.39 4.15
N ARG A 261 -19.63 11.64 4.77
CA ARG A 261 -18.37 11.61 4.14
C ARG A 261 -17.61 10.45 4.73
N VAL A 262 -17.40 9.40 3.91
CA VAL A 262 -16.70 8.21 4.31
C VAL A 262 -15.32 8.26 3.80
N LYS A 263 -14.32 8.48 4.60
CA LYS A 263 -12.93 8.52 4.22
C LYS A 263 -12.31 7.16 4.60
N HIS A 264 -11.69 6.51 3.61
CA HIS A 264 -11.06 5.16 3.84
C HIS A 264 -9.89 4.98 2.80
N SER A 265 -8.87 4.31 3.35
CA SER A 265 -7.58 4.02 2.54
C SER A 265 -7.68 3.49 1.14
N SER A 266 -8.72 2.61 0.92
CA SER A 266 -8.88 2.03 -0.41
C SER A 266 -9.46 2.97 -1.48
N LEU A 267 -9.90 4.17 -1.07
CA LEU A 267 -10.59 5.01 -2.00
C LEU A 267 -9.73 6.12 -2.65
N GLY A 268 -9.78 7.31 -2.05
CA GLY A 268 -9.09 8.46 -2.61
C GLY A 268 -10.05 9.61 -2.90
N GLY A 269 -11.07 9.20 -3.71
CA GLY A 269 -12.13 10.18 -4.03
C GLY A 269 -13.33 9.50 -3.38
N GLN A 270 -13.64 9.91 -2.13
CA GLN A 270 -14.66 9.22 -1.26
C GLN A 270 -16.14 9.54 -1.19
N ASP A 271 -16.89 8.48 -0.74
CA ASP A 271 -18.28 8.51 -0.57
C ASP A 271 -18.87 9.68 0.14
N ILE A 272 -19.66 10.54 -0.56
CA ILE A 272 -20.33 11.66 0.10
C ILE A 272 -21.71 11.34 -0.27
N ILE A 273 -22.44 10.81 0.73
CA ILE A 273 -23.88 10.49 0.60
C ILE A 273 -24.77 11.51 1.19
N LEU A 274 -25.23 12.46 0.32
CA LEU A 274 -26.12 13.48 0.78
C LEU A 274 -27.49 12.93 1.19
N TYR A 275 -28.07 13.49 2.28
CA TYR A 275 -29.38 13.10 2.70
C TYR A 275 -30.54 13.64 1.85
N TRP A 276 -30.22 14.55 0.93
CA TRP A 276 -31.08 15.31 -0.01
C TRP A 276 -31.85 16.34 0.78
N ILE B 1 -17.29 -13.60 36.25
CA ILE B 1 -17.94 -14.89 36.59
C ILE B 1 -19.18 -15.15 35.65
N GLN B 2 -20.10 -14.17 35.66
CA GLN B 2 -21.32 -14.19 34.78
C GLN B 2 -21.67 -12.85 34.26
N LYS B 3 -21.88 -12.71 32.90
CA LYS B 3 -22.19 -11.49 32.17
C LYS B 3 -23.17 -11.82 31.02
N THR B 4 -24.15 -10.94 30.94
CA THR B 4 -25.27 -11.05 29.90
C THR B 4 -24.83 -10.60 28.55
N PRO B 5 -25.06 -11.43 27.54
CA PRO B 5 -24.64 -11.11 26.23
C PRO B 5 -25.30 -9.92 25.58
N GLN B 6 -24.39 -9.01 25.06
CA GLN B 6 -24.89 -7.87 24.33
C GLN B 6 -25.16 -8.47 22.93
N ILE B 7 -26.22 -8.11 22.27
CA ILE B 7 -26.61 -8.69 20.97
C ILE B 7 -26.62 -7.61 19.88
N GLN B 8 -26.18 -7.87 18.68
CA GLN B 8 -26.25 -6.89 17.60
C GLN B 8 -26.53 -7.44 16.25
N VAL B 9 -27.62 -6.94 15.67
CA VAL B 9 -28.12 -7.48 14.35
C VAL B 9 -27.84 -6.36 13.29
N TYR B 10 -27.30 -6.78 12.15
CA TYR B 10 -27.00 -5.93 11.04
C TYR B 10 -26.73 -6.70 9.77
N SER B 11 -26.93 -5.95 8.62
CA SER B 11 -26.71 -6.58 7.31
C SER B 11 -25.20 -6.39 6.84
N ARG B 12 -24.91 -6.92 5.63
CA ARG B 12 -23.52 -6.88 5.12
C ARG B 12 -23.53 -5.85 3.98
N HIS B 13 -24.61 -5.74 3.26
CA HIS B 13 -24.75 -4.81 2.13
C HIS B 13 -26.01 -3.98 2.40
N PRO B 14 -26.17 -2.89 1.79
CA PRO B 14 -27.37 -2.08 2.07
C PRO B 14 -28.58 -2.96 1.64
N PRO B 15 -29.45 -3.12 2.58
CA PRO B 15 -30.60 -3.96 2.20
C PRO B 15 -31.48 -3.25 1.22
N GLU B 16 -32.09 -4.04 0.33
CA GLU B 16 -32.91 -3.46 -0.74
C GLU B 16 -33.92 -4.54 -1.08
N ASN B 17 -35.24 -4.26 -0.99
CA ASN B 17 -36.28 -5.27 -1.17
C ASN B 17 -36.13 -6.21 -2.34
N GLY B 18 -35.95 -7.49 -2.00
CA GLY B 18 -35.74 -8.46 -3.02
C GLY B 18 -34.34 -8.88 -3.32
N LYS B 19 -33.40 -7.97 -3.00
CA LYS B 19 -31.98 -8.27 -3.21
C LYS B 19 -31.34 -9.05 -2.10
N PRO B 20 -30.78 -10.22 -2.44
CA PRO B 20 -30.04 -11.13 -1.54
C PRO B 20 -29.03 -10.28 -0.69
N ASN B 21 -28.80 -10.80 0.53
CA ASN B 21 -27.92 -10.10 1.49
C ASN B 21 -27.47 -11.13 2.58
N ILE B 22 -26.76 -10.64 3.56
CA ILE B 22 -26.35 -11.46 4.64
C ILE B 22 -26.63 -10.81 5.94
N LEU B 23 -27.33 -11.53 6.82
CA LEU B 23 -27.72 -10.97 8.13
C LEU B 23 -26.72 -11.53 9.16
N ASN B 24 -26.05 -10.55 9.80
CA ASN B 24 -25.09 -10.85 10.87
C ASN B 24 -25.68 -10.61 12.25
N CYS B 25 -25.38 -11.52 13.21
CA CYS B 25 -25.82 -11.39 14.58
C CYS B 25 -24.51 -11.52 15.40
N TYR B 26 -24.10 -10.41 16.02
CA TYR B 26 -22.96 -10.43 16.85
C TYR B 26 -23.17 -10.37 18.28
N VAL B 27 -23.02 -11.54 18.97
CA VAL B 27 -23.20 -11.69 20.40
C VAL B 27 -21.86 -11.44 21.11
N THR B 28 -21.86 -10.73 22.31
CA THR B 28 -20.57 -10.40 22.92
C THR B 28 -20.61 -10.21 24.40
N GLN B 29 -19.50 -9.95 25.00
CA GLN B 29 -19.47 -9.66 26.46
C GLN B 29 -20.04 -10.75 27.41
N PHE B 30 -20.37 -11.83 26.84
CA PHE B 30 -20.98 -12.89 27.77
C PHE B 30 -19.91 -13.71 28.37
N HIS B 31 -20.27 -14.48 29.37
CA HIS B 31 -19.37 -15.37 30.10
C HIS B 31 -20.34 -16.02 31.04
N PRO B 32 -20.34 -17.35 31.12
CA PRO B 32 -19.51 -18.40 30.34
C PRO B 32 -19.70 -18.45 28.85
N PRO B 33 -18.84 -19.19 28.18
CA PRO B 33 -18.79 -19.32 26.75
C PRO B 33 -19.86 -20.43 26.34
N HIS B 34 -20.95 -20.45 27.00
CA HIS B 34 -22.00 -21.39 26.74
C HIS B 34 -23.35 -20.77 26.54
N ILE B 35 -23.60 -20.56 25.22
CA ILE B 35 -24.79 -19.85 24.76
C ILE B 35 -25.28 -20.46 23.52
N GLU B 36 -26.59 -20.48 23.27
CA GLU B 36 -27.13 -21.02 22.06
C GLU B 36 -27.73 -19.90 21.24
N ILE B 37 -27.21 -19.67 20.04
CA ILE B 37 -27.60 -18.56 19.20
C ILE B 37 -28.59 -19.22 18.21
N GLN B 38 -29.59 -18.44 17.89
CA GLN B 38 -30.68 -19.02 17.06
C GLN B 38 -31.07 -17.82 16.14
N MET B 39 -31.14 -18.05 14.84
CA MET B 39 -31.58 -16.91 13.99
C MET B 39 -32.98 -17.28 13.44
N LEU B 40 -33.83 -16.26 13.65
CA LEU B 40 -35.25 -16.38 13.27
C LEU B 40 -35.78 -15.51 12.16
N LYS B 41 -36.55 -16.19 11.28
CA LYS B 41 -37.20 -15.42 10.18
C LYS B 41 -38.66 -15.63 10.53
N ASN B 42 -39.33 -14.54 10.87
CA ASN B 42 -40.77 -14.56 11.23
C ASN B 42 -41.33 -15.59 12.22
N GLY B 43 -40.47 -15.91 13.22
CA GLY B 43 -40.90 -16.85 14.21
C GLY B 43 -40.30 -18.23 14.00
N LYS B 44 -39.99 -18.52 12.72
CA LYS B 44 -39.34 -19.79 12.37
C LYS B 44 -37.80 -19.56 12.47
N LYS B 45 -37.10 -20.62 12.71
CA LYS B 45 -35.64 -20.57 12.78
C LYS B 45 -35.15 -20.70 11.30
N ILE B 46 -33.94 -20.10 10.98
CA ILE B 46 -33.40 -20.26 9.64
C ILE B 46 -32.60 -21.54 9.88
N PRO B 47 -32.72 -22.54 8.94
CA PRO B 47 -31.99 -23.79 9.04
C PRO B 47 -30.47 -23.62 9.10
N LYS B 48 -29.91 -23.17 8.09
CA LYS B 48 -28.44 -23.05 8.09
C LYS B 48 -27.97 -21.61 8.30
N VAL B 49 -27.36 -21.55 9.47
CA VAL B 49 -26.78 -20.29 10.02
C VAL B 49 -25.34 -20.62 10.34
N GLU B 50 -24.40 -19.80 9.79
CA GLU B 50 -23.01 -19.99 10.06
C GLU B 50 -22.50 -19.26 11.27
N MET B 51 -21.68 -19.94 12.11
CA MET B 51 -21.07 -19.22 13.22
C MET B 51 -19.63 -19.29 13.20
N SER B 52 -19.01 -18.22 13.62
CA SER B 52 -17.55 -18.11 13.61
C SER B 52 -17.13 -18.94 14.83
N ASP B 53 -15.83 -18.91 15.08
CA ASP B 53 -15.28 -19.58 16.20
C ASP B 53 -15.32 -18.61 17.32
N MET B 54 -15.65 -19.15 18.51
CA MET B 54 -15.70 -18.37 19.75
C MET B 54 -14.25 -18.01 20.19
N SER B 55 -14.08 -16.81 20.50
CA SER B 55 -12.78 -16.28 20.99
C SER B 55 -13.15 -15.27 22.11
N PHE B 56 -12.13 -14.72 22.74
CA PHE B 56 -12.33 -13.70 23.83
C PHE B 56 -11.39 -12.52 23.68
N SER B 57 -11.94 -11.35 24.14
CA SER B 57 -11.27 -10.08 24.06
C SER B 57 -10.33 -10.06 25.23
N LYS B 58 -9.50 -8.98 25.36
CA LYS B 58 -8.56 -8.89 26.44
C LYS B 58 -9.20 -8.51 27.77
N ASP B 59 -10.47 -8.24 27.62
CA ASP B 59 -11.29 -7.91 28.81
C ASP B 59 -11.89 -9.28 29.12
N TRP B 60 -11.34 -10.37 28.57
CA TRP B 60 -11.79 -11.77 28.79
C TRP B 60 -13.24 -12.27 28.52
N SER B 61 -14.12 -11.34 28.10
CA SER B 61 -15.46 -11.67 27.74
C SER B 61 -15.40 -12.38 26.42
N PHE B 62 -16.44 -13.19 26.12
CA PHE B 62 -16.43 -13.83 24.83
C PHE B 62 -17.20 -13.14 23.74
N TYR B 63 -17.13 -13.61 22.48
CA TYR B 63 -17.80 -13.08 21.32
C TYR B 63 -17.93 -14.06 20.12
N ILE B 64 -18.90 -13.85 19.26
CA ILE B 64 -19.19 -14.72 18.20
C ILE B 64 -20.07 -14.07 17.16
N LEU B 65 -19.95 -14.55 15.91
CA LEU B 65 -20.77 -13.99 14.84
C LEU B 65 -21.47 -15.07 14.10
N ALA B 66 -22.74 -15.20 14.45
CA ALA B 66 -23.63 -16.17 13.84
C ALA B 66 -24.18 -15.37 12.68
N HIS B 67 -24.37 -15.95 11.61
CA HIS B 67 -24.87 -15.22 10.41
C HIS B 67 -25.43 -16.08 9.36
N THR B 68 -26.20 -15.48 8.48
CA THR B 68 -26.87 -16.30 7.54
C THR B 68 -27.13 -15.45 6.29
N GLU B 69 -27.73 -16.17 5.32
CA GLU B 69 -28.02 -15.56 4.00
C GLU B 69 -29.49 -15.18 4.10
N PHE B 70 -29.78 -13.92 3.82
CA PHE B 70 -31.18 -13.37 3.96
C PHE B 70 -31.54 -12.43 2.85
N THR B 71 -32.81 -12.22 2.65
CA THR B 71 -33.33 -11.31 1.72
C THR B 71 -34.40 -10.37 2.31
N PRO B 72 -34.13 -9.05 2.22
CA PRO B 72 -35.08 -8.08 2.74
C PRO B 72 -36.39 -8.02 2.01
N THR B 73 -37.49 -8.17 2.71
CA THR B 73 -38.85 -8.16 2.18
C THR B 73 -39.81 -7.27 2.92
N GLU B 74 -40.73 -6.57 2.32
CA GLU B 74 -41.68 -5.67 2.93
C GLU B 74 -42.60 -6.33 3.89
N THR B 75 -42.78 -7.67 3.74
CA THR B 75 -43.58 -8.43 4.68
C THR B 75 -42.80 -9.42 5.55
N ASP B 76 -41.44 -9.33 5.60
CA ASP B 76 -40.60 -10.27 6.39
C ASP B 76 -39.72 -9.71 7.51
N THR B 77 -39.90 -10.36 8.71
CA THR B 77 -39.14 -9.95 9.92
C THR B 77 -37.98 -10.97 10.27
N TYR B 78 -36.85 -10.45 10.68
CA TYR B 78 -35.80 -11.36 11.04
C TYR B 78 -35.27 -11.03 12.37
N ALA B 79 -34.77 -11.99 13.12
CA ALA B 79 -34.29 -11.64 14.45
C ALA B 79 -33.23 -12.56 14.94
N CYS B 80 -32.47 -12.15 16.03
CA CYS B 80 -31.52 -13.05 16.64
C CYS B 80 -31.93 -13.33 18.12
N ARG B 81 -32.21 -14.60 18.41
CA ARG B 81 -32.58 -15.07 19.76
C ARG B 81 -31.32 -15.68 20.46
N VAL B 82 -31.12 -15.30 21.67
CA VAL B 82 -29.96 -15.76 22.43
C VAL B 82 -30.51 -16.37 23.74
N LYS B 83 -29.82 -17.49 24.06
CA LYS B 83 -30.16 -18.22 25.37
C LYS B 83 -28.79 -18.23 26.03
N HIS B 84 -28.75 -17.68 27.29
CA HIS B 84 -27.48 -17.60 28.11
C HIS B 84 -27.88 -17.82 29.65
N ASP B 85 -27.02 -18.50 30.37
CA ASP B 85 -27.20 -18.71 31.75
C ASP B 85 -27.56 -17.49 32.49
N SER B 86 -26.87 -16.42 32.14
CA SER B 86 -27.08 -15.18 32.83
C SER B 86 -28.31 -14.40 32.41
N MET B 87 -29.24 -15.08 31.71
CA MET B 87 -30.49 -14.49 31.27
C MET B 87 -31.61 -15.37 31.68
N ALA B 88 -32.43 -14.98 32.66
CA ALA B 88 -33.59 -15.67 33.20
C ALA B 88 -34.36 -16.33 32.06
N GLU B 89 -34.40 -15.62 30.93
CA GLU B 89 -35.11 -16.09 29.69
C GLU B 89 -34.44 -15.47 28.46
N PRO B 90 -34.60 -16.12 27.34
CA PRO B 90 -34.07 -15.78 25.97
C PRO B 90 -34.24 -14.35 25.46
N LYS B 91 -33.14 -13.71 24.98
CA LYS B 91 -33.27 -12.36 24.44
C LYS B 91 -33.33 -12.33 22.94
N THR B 92 -34.36 -11.73 22.48
CA THR B 92 -34.63 -11.63 21.06
C THR B 92 -34.63 -10.15 20.68
N VAL B 93 -33.74 -9.80 19.88
CA VAL B 93 -33.65 -8.46 19.30
C VAL B 93 -34.06 -8.77 17.93
N TYR B 94 -34.91 -7.91 17.34
CA TYR B 94 -35.31 -8.08 15.92
C TYR B 94 -34.43 -7.17 15.14
N TRP B 95 -34.50 -7.33 13.77
CA TRP B 95 -33.68 -6.51 12.88
C TRP B 95 -34.50 -5.34 12.28
N ASP B 96 -33.90 -4.17 12.08
CA ASP B 96 -34.55 -2.99 11.57
C ASP B 96 -34.09 -2.86 10.12
N ARG B 97 -34.93 -2.42 9.23
CA ARG B 97 -34.57 -2.20 7.80
C ARG B 97 -33.55 -1.17 7.59
N ASP B 98 -32.60 -1.00 8.45
CA ASP B 98 -31.57 0.03 8.37
C ASP B 98 -30.21 -0.60 8.57
N MET B 99 -30.01 -1.35 9.60
CA MET B 99 -28.70 -1.91 9.97
C MET B 99 -28.28 -3.06 9.03
N ASN C 4 -3.92 11.66 -7.58
CA ASN C 4 -2.71 12.69 -7.57
C ASN C 4 -1.50 12.29 -8.36
N TYR C 5 -1.73 12.11 -9.68
CA TYR C 5 -0.68 11.71 -10.56
C TYR C 5 -0.71 12.68 -11.75
N THR C 6 0.45 12.80 -12.44
CA THR C 6 0.65 13.76 -13.52
C THR C 6 0.87 12.99 -14.81
N PHE C 7 -0.11 13.03 -15.67
CA PHE C 7 0.00 12.29 -16.98
C PHE C 7 0.49 13.34 -17.98
N ARG C 8 1.63 13.15 -18.52
CA ARG C 8 2.17 14.11 -19.56
C ARG C 8 2.50 13.32 -20.81
N CYS C 9 2.40 13.98 -21.99
CA CYS C 9 2.74 13.37 -23.23
C CYS C 9 3.62 14.23 -24.06
N LEU C 10 4.95 14.01 -23.98
CA LEU C 10 5.99 14.81 -24.63
C LEU C 10 6.24 14.49 -26.10
N GLN C 11 5.83 15.43 -26.95
CA GLN C 11 6.10 15.30 -28.41
C GLN C 11 7.32 16.03 -28.90
N MET C 12 8.02 15.47 -29.78
CA MET C 12 9.27 16.07 -30.34
C MET C 12 9.43 15.98 -31.83
N SER C 13 9.29 17.14 -32.39
CA SER C 13 9.31 17.40 -33.81
C SER C 13 10.69 18.02 -34.30
N SER C 14 11.37 17.41 -35.23
CA SER C 14 12.63 17.94 -35.71
C SER C 14 12.48 18.20 -37.22
N PHE C 15 12.69 19.42 -37.55
CA PHE C 15 12.61 19.84 -38.90
C PHE C 15 13.97 20.34 -39.35
N ALA C 16 14.71 19.45 -40.07
CA ALA C 16 16.00 19.78 -40.54
C ALA C 16 15.97 20.68 -41.78
N ASN C 17 15.01 20.32 -42.65
CA ASN C 17 14.86 21.08 -43.93
C ASN C 17 13.45 20.65 -44.53
N ARG C 18 13.12 21.32 -45.68
CA ARG C 18 11.84 20.99 -46.29
C ARG C 18 11.70 19.60 -46.86
N SER C 19 12.53 18.67 -46.33
CA SER C 19 12.51 17.30 -46.70
C SER C 19 12.75 16.33 -45.53
N TRP C 20 13.25 16.94 -44.42
CA TRP C 20 13.55 16.09 -43.29
C TRP C 20 12.80 16.45 -42.03
N SER C 21 11.80 15.65 -41.63
CA SER C 21 11.09 16.00 -40.50
C SER C 21 11.07 14.75 -39.67
N ARG C 22 11.08 14.87 -38.37
CA ARG C 22 11.01 13.69 -37.51
C ARG C 22 10.26 14.11 -36.21
N THR C 23 9.15 13.42 -35.92
CA THR C 23 8.39 13.71 -34.72
C THR C 23 8.14 12.42 -34.05
N ASP C 24 8.46 12.32 -32.75
CA ASP C 24 8.23 11.20 -31.94
C ASP C 24 7.65 11.68 -30.63
N SER C 25 6.99 10.76 -29.88
CA SER C 25 6.35 11.08 -28.60
C SER C 25 6.68 10.03 -27.60
N VAL C 26 6.31 10.28 -26.37
CA VAL C 26 6.49 9.33 -25.23
C VAL C 26 5.58 9.81 -24.10
N VAL C 27 4.79 8.87 -23.56
CA VAL C 27 3.93 9.40 -22.51
C VAL C 27 4.27 8.78 -21.18
N TRP C 28 3.98 9.51 -20.09
CA TRP C 28 4.29 9.15 -18.72
C TRP C 28 3.11 9.27 -17.85
N LEU C 29 3.08 8.46 -16.84
CA LEU C 29 2.00 8.49 -15.85
C LEU C 29 2.89 8.46 -14.63
N GLY C 30 3.07 9.66 -14.05
CA GLY C 30 3.97 9.83 -12.94
C GLY C 30 5.32 9.57 -13.55
N ASP C 31 6.10 8.61 -13.08
CA ASP C 31 7.39 8.36 -13.58
C ASP C 31 7.42 6.98 -14.19
N LEU C 32 6.25 6.53 -14.56
CA LEU C 32 6.16 5.26 -15.29
C LEU C 32 5.68 5.55 -16.66
N GLN C 33 6.49 5.09 -17.68
CA GLN C 33 6.19 5.40 -19.11
C GLN C 33 5.13 4.46 -19.50
N THR C 34 4.03 4.90 -20.12
CA THR C 34 2.98 4.04 -20.61
C THR C 34 2.97 3.88 -22.10
N HIS C 35 3.36 4.94 -22.87
CA HIS C 35 3.29 4.85 -24.33
C HIS C 35 4.53 5.34 -25.12
N ARG C 36 4.50 4.97 -26.36
CA ARG C 36 5.61 5.32 -27.32
C ARG C 36 5.12 5.48 -28.80
N TRP C 37 5.41 6.58 -29.46
CA TRP C 37 5.03 6.70 -30.77
C TRP C 37 6.20 7.09 -31.66
N SER C 38 6.94 6.11 -32.17
CA SER C 38 8.04 6.33 -32.95
C SER C 38 7.64 6.78 -34.31
N ASN C 39 8.37 7.74 -34.87
CA ASN C 39 8.09 8.34 -36.18
C ASN C 39 7.89 7.25 -37.23
N ASP C 40 8.52 6.09 -37.11
CA ASP C 40 8.39 4.97 -38.01
C ASP C 40 7.10 4.15 -37.91
N SER C 41 6.57 4.12 -36.69
CA SER C 41 5.35 3.33 -36.39
C SER C 41 4.18 4.17 -36.76
N ALA C 42 3.14 3.50 -37.35
CA ALA C 42 1.89 4.16 -37.75
C ALA C 42 0.82 4.17 -36.63
N THR C 43 1.08 3.39 -35.60
CA THR C 43 0.12 3.38 -34.46
C THR C 43 0.86 3.52 -33.16
N ILE C 44 0.17 4.08 -32.15
CA ILE C 44 0.74 4.26 -30.77
C ILE C 44 1.04 2.92 -30.14
N SER C 45 2.33 2.76 -29.76
CA SER C 45 2.75 1.52 -29.13
C SER C 45 2.66 1.65 -27.59
N PHE C 46 2.09 0.65 -26.98
CA PHE C 46 1.86 0.57 -25.52
C PHE C 46 3.24 0.12 -25.05
N THR C 47 3.68 0.69 -23.87
CA THR C 47 4.89 0.21 -23.21
C THR C 47 4.51 -0.31 -21.90
N LYS C 48 3.29 -0.90 -21.85
CA LYS C 48 2.73 -1.49 -20.53
C LYS C 48 1.37 -2.20 -20.79
N PRO C 49 1.20 -3.27 -20.05
CA PRO C 49 -0.05 -4.10 -20.07
C PRO C 49 -1.31 -3.19 -20.14
N TRP C 50 -1.43 -2.38 -19.18
CA TRP C 50 -2.64 -1.52 -18.98
C TRP C 50 -2.54 -0.16 -19.70
N SER C 51 -1.85 -0.06 -20.77
CA SER C 51 -1.77 1.22 -21.40
C SER C 51 -2.89 1.62 -22.33
N GLN C 52 -4.00 0.93 -22.17
CA GLN C 52 -5.23 1.29 -22.91
C GLN C 52 -6.21 1.86 -22.02
N GLY C 53 -5.89 1.76 -20.71
CA GLY C 53 -6.70 2.27 -19.64
C GLY C 53 -7.95 1.38 -19.70
N LYS C 54 -9.11 2.04 -19.50
CA LYS C 54 -10.41 1.30 -19.47
C LYS C 54 -11.11 1.52 -20.87
N LEU C 55 -10.34 1.86 -21.88
CA LEU C 55 -10.93 2.11 -23.21
C LEU C 55 -11.14 0.87 -23.96
N SER C 56 -12.18 0.80 -24.80
CA SER C 56 -12.48 -0.34 -25.66
C SER C 56 -11.58 -0.24 -26.90
N ASN C 57 -11.42 -1.26 -27.73
CA ASN C 57 -10.61 -1.13 -28.86
C ASN C 57 -11.07 -0.11 -29.81
N GLN C 58 -12.36 -0.07 -30.15
CA GLN C 58 -12.93 0.91 -31.05
C GLN C 58 -12.61 2.32 -30.52
N GLN C 59 -12.93 2.54 -29.29
CA GLN C 59 -12.63 3.89 -28.80
C GLN C 59 -11.17 4.14 -28.98
N TRP C 60 -10.33 3.23 -28.57
CA TRP C 60 -8.92 3.44 -28.68
C TRP C 60 -8.40 3.68 -30.14
N GLU C 61 -8.89 2.86 -31.00
CA GLU C 61 -8.45 2.92 -32.49
C GLU C 61 -9.04 4.16 -33.08
N LYS C 62 -10.02 4.80 -32.39
CA LYS C 62 -10.60 6.04 -32.98
C LYS C 62 -9.87 7.12 -32.36
N LEU C 63 -9.44 6.99 -31.16
CA LEU C 63 -8.65 7.97 -30.43
C LEU C 63 -7.33 8.05 -31.09
N GLN C 64 -6.77 6.95 -31.50
CA GLN C 64 -5.47 6.83 -32.17
C GLN C 64 -5.36 7.45 -33.56
N HIS C 65 -6.57 7.41 -34.18
CA HIS C 65 -6.63 7.95 -35.57
C HIS C 65 -6.55 9.45 -35.49
N MET C 66 -7.13 10.02 -34.40
CA MET C 66 -7.05 11.45 -34.24
C MET C 66 -5.68 11.93 -34.43
N PHE C 67 -4.70 11.33 -33.71
CA PHE C 67 -3.27 11.59 -33.76
C PHE C 67 -2.58 11.26 -35.03
N GLN C 68 -3.14 10.19 -35.70
CA GLN C 68 -2.50 9.81 -37.02
C GLN C 68 -2.84 10.93 -37.99
N VAL C 69 -4.00 11.59 -37.79
CA VAL C 69 -4.33 12.76 -38.70
C VAL C 69 -3.58 14.03 -38.19
N TYR C 70 -3.62 14.23 -36.84
CA TYR C 70 -2.89 15.37 -36.30
C TYR C 70 -1.45 15.40 -36.79
N ARG C 71 -0.70 14.26 -36.60
CA ARG C 71 0.68 14.18 -36.94
C ARG C 71 0.94 14.63 -38.38
N VAL C 72 0.34 13.97 -39.30
CA VAL C 72 0.58 14.28 -40.71
C VAL C 72 0.37 15.83 -41.00
N SER C 73 -0.60 16.41 -40.24
CA SER C 73 -1.00 17.75 -40.37
C SER C 73 -0.10 18.78 -39.72
N PHE C 74 0.01 18.68 -38.38
CA PHE C 74 0.84 19.59 -37.69
C PHE C 74 2.16 19.73 -38.42
N THR C 75 2.66 18.58 -38.91
CA THR C 75 3.90 18.43 -39.63
C THR C 75 3.91 19.20 -40.94
N ARG C 76 2.81 19.13 -41.67
CA ARG C 76 2.71 19.81 -42.99
C ARG C 76 2.46 21.34 -42.77
N ASP C 77 1.73 21.57 -41.73
CA ASP C 77 1.42 22.93 -41.42
C ASP C 77 2.62 23.67 -40.94
N ILE C 78 3.60 22.96 -40.32
CA ILE C 78 4.79 23.65 -39.89
C ILE C 78 5.45 24.15 -41.10
N GLN C 79 5.62 23.39 -42.12
CA GLN C 79 6.22 23.72 -43.35
C GLN C 79 5.64 25.06 -43.84
N GLU C 80 4.38 25.20 -43.82
CA GLU C 80 3.67 26.40 -44.22
C GLU C 80 4.09 27.50 -43.33
N LEU C 81 3.86 27.43 -42.00
CA LEU C 81 4.15 28.44 -41.10
C LEU C 81 5.70 28.86 -41.11
N VAL C 82 6.56 27.90 -41.41
CA VAL C 82 7.98 28.22 -41.41
C VAL C 82 8.34 29.08 -42.63
N LYS C 83 7.55 28.93 -43.67
CA LYS C 83 7.80 29.69 -44.88
C LYS C 83 7.43 31.20 -44.74
N MET C 84 7.11 31.55 -43.55
CA MET C 84 6.81 32.89 -43.10
C MET C 84 7.73 33.31 -41.93
N MET C 85 8.91 32.69 -41.95
CA MET C 85 9.97 32.88 -40.87
C MET C 85 10.80 34.09 -41.05
N SER C 86 10.31 35.23 -40.44
CA SER C 86 11.03 36.48 -40.50
C SER C 86 11.08 37.03 -39.12
N PRO C 87 12.27 37.73 -38.82
CA PRO C 87 13.37 37.88 -39.67
C PRO C 87 14.39 36.79 -39.44
N LYS C 88 14.15 35.98 -38.40
CA LYS C 88 15.02 34.92 -37.95
C LYS C 88 14.93 33.72 -38.89
N GLU C 89 15.01 33.96 -40.17
CA GLU C 89 14.99 32.87 -41.13
C GLU C 89 16.04 31.83 -40.72
N ASP C 90 15.58 30.79 -40.10
CA ASP C 90 16.46 29.72 -39.65
C ASP C 90 15.61 28.47 -39.92
N TYR C 91 16.28 27.46 -40.47
CA TYR C 91 15.43 26.21 -40.74
C TYR C 91 15.60 25.08 -39.74
N PRO C 92 16.85 24.99 -39.20
CA PRO C 92 16.84 23.79 -38.21
C PRO C 92 15.92 24.21 -37.13
N ILE C 93 14.69 23.69 -37.17
CA ILE C 93 13.70 23.95 -36.11
C ILE C 93 13.34 22.73 -35.29
N GLU C 94 13.53 22.93 -33.97
CA GLU C 94 13.20 21.89 -33.01
C GLU C 94 12.05 22.39 -32.11
N ILE C 95 10.97 21.58 -32.17
CA ILE C 95 9.74 21.92 -31.43
C ILE C 95 9.41 20.82 -30.38
N GLN C 96 9.10 21.23 -29.14
CA GLN C 96 8.73 20.27 -28.15
C GLN C 96 7.39 20.72 -27.65
N LEU C 97 6.48 19.71 -27.36
CA LEU C 97 5.12 19.99 -27.01
C LEU C 97 4.75 19.14 -25.79
N SER C 98 4.63 19.69 -24.62
CA SER C 98 4.28 18.97 -23.44
C SER C 98 2.80 19.22 -23.16
N ALA C 99 1.98 18.13 -23.16
CA ALA C 99 0.54 18.18 -22.88
C ALA C 99 0.15 17.10 -21.98
N GLY C 100 -1.04 17.25 -21.37
CA GLY C 100 -1.48 16.26 -20.43
C GLY C 100 -2.39 16.85 -19.34
N CYS C 101 -2.45 16.24 -18.21
CA CYS C 101 -3.20 16.73 -17.12
C CYS C 101 -2.97 16.14 -15.69
N GLU C 102 -2.64 17.00 -14.75
CA GLU C 102 -2.33 16.64 -13.37
C GLU C 102 -3.68 16.20 -12.74
N MET C 103 -3.76 14.98 -12.20
CA MET C 103 -4.96 14.50 -11.66
C MET C 103 -5.06 14.58 -10.16
N TYR C 104 -6.03 15.36 -9.65
CA TYR C 104 -6.24 15.47 -8.18
C TYR C 104 -7.41 14.72 -7.68
N PRO C 105 -7.39 14.32 -6.33
CA PRO C 105 -8.48 13.61 -5.65
C PRO C 105 -9.74 14.42 -5.38
N GLY C 106 -9.56 15.54 -4.59
CA GLY C 106 -10.64 16.42 -4.19
C GLY C 106 -10.47 17.86 -4.66
N ASN C 107 -10.12 18.02 -6.00
CA ASN C 107 -9.99 19.29 -6.74
C ASN C 107 -10.65 18.74 -8.03
N ALA C 108 -9.98 19.17 -9.14
CA ALA C 108 -10.53 18.70 -10.43
C ALA C 108 -9.22 18.08 -11.07
N SER C 109 -9.04 18.16 -12.41
CA SER C 109 -7.88 17.64 -13.05
C SER C 109 -7.36 18.85 -13.78
N GLU C 110 -6.09 19.16 -13.61
CA GLU C 110 -5.51 20.35 -14.19
C GLU C 110 -4.87 19.96 -15.52
N SER C 111 -5.31 20.55 -16.66
CA SER C 111 -4.83 20.28 -17.98
C SER C 111 -3.86 21.34 -18.46
N PHE C 112 -2.93 20.92 -19.41
CA PHE C 112 -1.98 21.80 -19.92
C PHE C 112 -1.51 21.54 -21.37
N LEU C 113 -0.87 22.58 -21.91
CA LEU C 113 -0.28 22.47 -23.32
C LEU C 113 0.77 23.55 -23.35
N HIS C 114 1.96 23.12 -23.36
CA HIS C 114 3.10 23.98 -23.38
C HIS C 114 3.91 23.67 -24.57
N VAL C 115 4.25 24.70 -25.40
CA VAL C 115 5.02 24.46 -26.56
C VAL C 115 6.32 25.26 -26.54
N ALA C 116 7.43 24.62 -26.88
CA ALA C 116 8.66 25.32 -26.83
C ALA C 116 9.16 25.37 -28.31
N PHE C 117 9.86 26.51 -28.61
CA PHE C 117 10.45 26.72 -29.93
C PHE C 117 11.88 27.03 -29.67
N GLN C 118 12.79 26.22 -30.38
CA GLN C 118 14.21 26.34 -30.13
C GLN C 118 14.54 26.22 -28.70
N GLY C 119 13.93 25.29 -28.07
CA GLY C 119 14.13 25.09 -26.64
C GLY C 119 13.64 26.14 -25.67
N LYS C 120 13.10 27.23 -26.21
CA LYS C 120 12.50 28.26 -25.32
C LYS C 120 11.03 28.08 -25.37
N TYR C 121 10.38 28.35 -24.26
CA TYR C 121 8.98 28.20 -24.12
C TYR C 121 8.34 29.51 -24.66
N VAL C 122 7.44 29.33 -25.65
CA VAL C 122 6.84 30.45 -26.33
C VAL C 122 5.33 30.54 -26.59
N VAL C 123 4.56 29.44 -26.44
CA VAL C 123 3.15 29.38 -26.78
C VAL C 123 2.37 28.43 -25.97
N ARG C 124 1.06 28.70 -25.73
CA ARG C 124 0.18 27.84 -24.91
C ARG C 124 -1.24 27.79 -25.37
N PHE C 125 -2.03 26.80 -24.88
CA PHE C 125 -3.38 26.86 -25.23
C PHE C 125 -3.97 27.22 -23.89
N TRP C 126 -4.77 28.29 -23.88
CA TRP C 126 -5.40 28.74 -22.64
C TRP C 126 -6.90 28.95 -22.68
N GLY C 127 -7.63 28.00 -22.12
CA GLY C 127 -9.01 28.17 -22.12
C GLY C 127 -9.81 27.92 -23.39
N THR C 128 -9.51 28.70 -24.41
CA THR C 128 -10.13 28.65 -25.71
C THR C 128 -9.14 28.97 -26.87
N SER C 129 -8.11 29.79 -26.57
CA SER C 129 -7.21 30.21 -27.58
C SER C 129 -5.72 29.86 -27.38
N TRP C 130 -4.98 29.94 -28.45
CA TRP C 130 -3.49 29.75 -28.54
C TRP C 130 -2.80 31.11 -28.27
N GLN C 131 -2.14 31.16 -27.09
CA GLN C 131 -1.50 32.48 -26.74
C GLN C 131 0.01 32.44 -26.56
N THR C 132 0.60 33.56 -27.07
CA THR C 132 2.08 33.87 -27.06
C THR C 132 2.28 34.24 -25.60
N VAL C 133 3.37 33.68 -25.07
CA VAL C 133 3.74 34.06 -23.65
C VAL C 133 4.95 35.10 -23.78
N PRO C 134 5.22 35.79 -22.71
CA PRO C 134 6.25 36.75 -22.71
C PRO C 134 7.57 36.11 -23.09
N GLY C 135 8.27 36.82 -23.97
CA GLY C 135 9.61 36.32 -24.51
C GLY C 135 9.38 35.69 -25.90
N ALA C 136 8.16 35.26 -26.15
CA ALA C 136 7.88 34.65 -27.42
C ALA C 136 8.11 35.79 -28.49
N PRO C 137 9.06 35.54 -29.30
CA PRO C 137 9.48 36.42 -30.46
C PRO C 137 8.32 37.02 -31.26
N SER C 138 8.54 38.30 -31.55
CA SER C 138 7.63 39.13 -32.32
C SER C 138 6.63 38.47 -33.30
N TRP C 139 7.15 37.92 -34.41
CA TRP C 139 6.33 37.40 -35.47
C TRP C 139 5.41 36.20 -35.06
N LEU C 140 5.84 35.50 -34.02
CA LEU C 140 5.10 34.37 -33.48
C LEU C 140 3.61 34.62 -33.33
N ASP C 141 3.23 35.96 -33.34
CA ASP C 141 1.75 36.27 -33.15
C ASP C 141 0.97 36.20 -34.40
N LEU C 142 1.55 36.41 -35.59
CA LEU C 142 0.76 36.27 -36.76
C LEU C 142 0.30 34.82 -36.85
N PRO C 143 1.23 33.89 -36.68
CA PRO C 143 0.88 32.47 -36.70
C PRO C 143 -0.28 32.07 -35.67
N ILE C 144 -0.15 32.40 -34.40
CA ILE C 144 -1.20 32.11 -33.51
C ILE C 144 -2.49 32.78 -33.78
N LYS C 145 -2.43 33.88 -34.55
CA LYS C 145 -3.55 34.77 -34.98
C LYS C 145 -4.27 34.03 -36.16
N VAL C 146 -3.54 33.13 -36.75
CA VAL C 146 -3.99 32.31 -37.85
C VAL C 146 -4.64 31.08 -37.33
N LEU C 147 -3.94 30.37 -36.43
CA LEU C 147 -4.34 29.19 -35.76
C LEU C 147 -5.69 29.44 -35.14
N ASN C 148 -5.85 30.53 -34.40
CA ASN C 148 -7.07 30.87 -33.66
C ASN C 148 -8.26 31.04 -34.54
N ALA C 149 -8.07 31.36 -35.83
CA ALA C 149 -9.16 31.42 -36.72
C ALA C 149 -9.37 29.99 -37.22
N ASP C 150 -9.75 29.09 -36.31
CA ASP C 150 -9.99 27.66 -36.69
C ASP C 150 -10.62 26.91 -35.53
N GLN C 151 -11.93 27.24 -35.39
CA GLN C 151 -12.73 26.66 -34.31
C GLN C 151 -12.63 25.09 -34.21
N GLY C 152 -12.51 24.42 -35.34
CA GLY C 152 -12.42 22.98 -35.28
C GLY C 152 -11.41 22.43 -34.25
N THR C 153 -10.15 22.94 -34.47
CA THR C 153 -9.02 22.61 -33.62
C THR C 153 -9.26 23.05 -32.19
N SER C 154 -9.64 24.37 -32.06
CA SER C 154 -9.88 24.88 -30.72
C SER C 154 -10.93 24.02 -29.97
N ALA C 155 -11.95 23.61 -30.65
CA ALA C 155 -13.00 22.76 -30.05
C ALA C 155 -12.42 21.47 -29.64
N THR C 156 -11.79 20.82 -30.62
CA THR C 156 -11.05 19.57 -30.53
C THR C 156 -10.17 19.60 -29.25
N VAL C 157 -9.24 20.59 -29.27
CA VAL C 157 -8.23 20.80 -28.22
C VAL C 157 -8.95 20.88 -26.88
N GLN C 158 -9.87 21.80 -26.78
CA GLN C 158 -10.63 22.03 -25.49
C GLN C 158 -11.18 20.65 -25.03
N MET C 159 -11.64 19.82 -26.02
CA MET C 159 -12.12 18.55 -25.71
C MET C 159 -11.07 17.56 -25.12
N LEU C 160 -10.06 17.23 -25.97
CA LEU C 160 -9.01 16.37 -25.54
C LEU C 160 -8.35 16.80 -24.22
N LEU C 161 -8.35 18.12 -24.04
CA LEU C 161 -7.74 18.71 -22.90
C LEU C 161 -8.59 18.65 -21.73
N ASN C 162 -9.78 19.22 -21.89
CA ASN C 162 -10.85 19.23 -20.78
C ASN C 162 -11.67 18.00 -20.47
N ASP C 163 -11.95 17.18 -21.49
CA ASP C 163 -12.83 15.98 -21.33
C ASP C 163 -12.17 14.64 -21.48
N THR C 164 -11.51 14.43 -22.53
CA THR C 164 -10.91 13.17 -22.77
C THR C 164 -9.67 12.80 -21.89
N CYS C 165 -8.94 13.83 -21.45
CA CYS C 165 -7.71 13.54 -20.65
C CYS C 165 -8.16 12.90 -19.31
N PRO C 166 -8.89 13.72 -18.51
CA PRO C 166 -9.32 13.21 -17.21
C PRO C 166 -10.06 11.85 -17.24
N LEU C 167 -10.69 11.59 -18.42
CA LEU C 167 -11.43 10.29 -18.53
C LEU C 167 -10.41 9.22 -18.56
N PHE C 168 -9.60 9.28 -19.61
CA PHE C 168 -8.58 8.28 -19.86
C PHE C 168 -7.65 8.05 -18.63
N VAL C 169 -7.15 9.07 -18.02
CA VAL C 169 -6.27 8.93 -16.88
C VAL C 169 -6.86 8.16 -15.71
N ARG C 170 -8.11 8.40 -15.33
CA ARG C 170 -8.63 7.54 -14.20
C ARG C 170 -8.72 6.13 -14.76
N GLY C 171 -8.84 5.99 -16.01
CA GLY C 171 -8.81 4.67 -16.58
C GLY C 171 -7.52 4.00 -16.31
N LEU C 172 -6.45 4.76 -16.44
CA LEU C 172 -5.08 4.32 -16.23
C LEU C 172 -4.82 4.16 -14.72
N LEU C 173 -5.02 5.20 -13.90
CA LEU C 173 -4.82 5.05 -12.42
C LEU C 173 -5.46 3.76 -11.95
N GLU C 174 -6.53 3.36 -12.63
CA GLU C 174 -7.24 2.17 -12.39
C GLU C 174 -6.41 0.92 -12.79
N ALA C 175 -6.31 0.77 -14.07
CA ALA C 175 -5.66 -0.43 -14.64
C ALA C 175 -4.20 -0.66 -14.10
N GLY C 176 -3.49 0.45 -13.99
CA GLY C 176 -2.07 0.38 -13.49
C GLY C 176 -1.93 0.64 -12.01
N LYS C 177 -2.97 0.53 -11.24
CA LYS C 177 -2.90 0.76 -9.82
C LYS C 177 -1.84 -0.25 -9.24
N SER C 178 -1.74 -1.38 -9.91
CA SER C 178 -0.76 -2.42 -9.51
C SER C 178 0.69 -1.90 -9.50
N ASP C 179 1.12 -1.46 -10.72
CA ASP C 179 2.50 -0.98 -10.90
C ASP C 179 2.69 0.32 -10.25
N LEU C 180 1.65 1.08 -10.06
CA LEU C 180 1.85 2.45 -9.47
C LEU C 180 2.12 2.29 -7.96
N GLU C 181 1.83 1.20 -7.43
CA GLU C 181 2.09 0.98 -5.98
C GLU C 181 3.08 -0.11 -5.63
N LYS C 182 3.90 -0.50 -6.60
CA LYS C 182 4.82 -1.57 -6.28
C LYS C 182 5.74 -1.08 -5.31
N GLN C 183 6.21 -1.91 -4.35
CA GLN C 183 7.18 -1.43 -3.38
C GLN C 183 8.39 -2.24 -3.79
N GLU C 184 9.31 -1.58 -4.49
CA GLU C 184 10.58 -2.21 -4.87
C GLU C 184 11.65 -2.03 -3.81
N LYS C 185 12.35 -3.09 -3.57
CA LYS C 185 13.40 -3.14 -2.56
C LYS C 185 14.75 -2.71 -3.06
N PRO C 186 15.52 -1.90 -2.35
CA PRO C 186 16.84 -1.34 -2.63
C PRO C 186 18.08 -2.13 -2.21
N VAL C 187 19.13 -1.96 -2.93
CA VAL C 187 20.37 -2.63 -2.54
C VAL C 187 21.34 -1.34 -2.20
N ALA C 188 22.35 -1.57 -1.45
CA ALA C 188 23.25 -0.47 -1.00
C ALA C 188 24.62 -0.97 -0.84
N TRP C 189 25.63 -0.05 -1.15
CA TRP C 189 26.99 -0.48 -1.07
C TRP C 189 27.90 0.75 -0.78
N LEU C 190 29.03 0.57 -0.10
CA LEU C 190 29.92 1.68 0.08
C LEU C 190 31.18 1.72 -0.63
N SER C 191 31.77 2.88 -0.82
CA SER C 191 33.00 3.11 -1.53
C SER C 191 33.58 4.44 -1.07
N SER C 192 34.87 4.70 -1.33
CA SER C 192 35.45 6.02 -0.86
C SER C 192 36.46 6.45 -1.79
N VAL C 193 36.50 7.72 -2.05
CA VAL C 193 37.59 8.33 -2.96
C VAL C 193 38.32 9.54 -2.37
N PRO C 194 39.66 9.45 -2.46
CA PRO C 194 40.40 10.60 -1.91
C PRO C 194 40.03 11.89 -2.61
N SER C 195 39.87 12.99 -1.87
CA SER C 195 39.52 14.21 -2.48
C SER C 195 40.67 14.92 -3.16
N SER C 196 40.67 16.26 -3.24
CA SER C 196 41.71 17.00 -3.94
C SER C 196 42.85 17.43 -3.06
N ALA C 197 44.08 17.00 -3.45
CA ALA C 197 45.32 17.35 -2.72
C ALA C 197 45.33 17.39 -1.19
N HIS C 198 44.98 16.32 -0.53
CA HIS C 198 45.04 16.28 0.96
C HIS C 198 44.56 14.93 1.60
N GLY C 199 44.66 14.90 2.85
CA GLY C 199 44.25 13.70 3.66
C GLY C 199 42.76 13.69 4.14
N HIS C 200 41.90 13.88 3.18
CA HIS C 200 40.46 13.87 3.41
C HIS C 200 39.82 12.97 2.30
N ARG C 201 39.34 11.83 2.56
CA ARG C 201 38.73 10.98 1.63
C ARG C 201 37.25 11.31 1.68
N GLN C 202 36.45 10.91 0.72
CA GLN C 202 35.01 11.09 0.83
C GLN C 202 34.22 9.75 0.79
N LEU C 203 33.51 9.40 1.81
CA LEU C 203 32.78 8.10 1.83
C LEU C 203 31.58 8.25 0.96
N VAL C 204 31.24 7.19 0.26
CA VAL C 204 30.09 7.22 -0.70
C VAL C 204 29.11 6.10 -0.39
N CYS C 205 27.85 6.42 -0.36
CA CYS C 205 26.82 5.39 -0.15
C CYS C 205 26.03 5.33 -1.40
N HIS C 206 25.96 4.10 -2.08
CA HIS C 206 25.28 4.00 -3.30
C HIS C 206 24.04 3.09 -2.97
N VAL C 207 22.88 3.53 -3.47
CA VAL C 207 21.60 2.84 -3.27
C VAL C 207 20.92 2.74 -4.63
N SER C 208 20.41 1.58 -4.93
CA SER C 208 19.68 1.43 -6.22
C SER C 208 18.64 0.33 -6.05
N GLY C 209 17.71 0.29 -6.96
CA GLY C 209 16.71 -0.74 -7.00
C GLY C 209 15.49 -0.47 -6.17
N PHE C 210 15.33 0.70 -5.65
CA PHE C 210 14.17 1.07 -4.85
C PHE C 210 13.14 1.76 -5.66
N TYR C 211 11.85 1.63 -5.30
CA TYR C 211 10.77 2.38 -5.96
C TYR C 211 9.62 2.23 -5.00
N PRO C 212 8.76 3.27 -4.92
CA PRO C 212 8.80 4.56 -5.56
C PRO C 212 10.01 5.51 -5.21
N LYS C 213 10.13 6.59 -5.96
CA LYS C 213 11.28 7.51 -5.80
C LYS C 213 11.66 8.01 -4.42
N PRO C 214 10.71 8.26 -3.48
CA PRO C 214 11.03 8.72 -2.15
C PRO C 214 11.88 7.71 -1.28
N VAL C 215 13.00 8.23 -0.75
CA VAL C 215 13.91 7.40 0.03
C VAL C 215 14.82 8.34 0.92
N TRP C 216 15.37 7.79 2.00
CA TRP C 216 16.26 8.56 2.86
C TRP C 216 17.55 7.84 2.96
N VAL C 217 18.60 8.61 2.70
CA VAL C 217 19.96 8.06 2.82
C VAL C 217 20.70 9.13 3.58
N MET C 218 21.21 8.71 4.74
CA MET C 218 21.84 9.62 5.59
C MET C 218 22.98 8.91 6.30
N TRP C 219 24.13 9.44 6.32
CA TRP C 219 25.41 8.95 6.98
C TRP C 219 25.21 9.12 8.50
N MET C 220 25.43 8.06 9.30
CA MET C 220 25.27 8.09 10.74
C MET C 220 26.57 7.84 11.46
N ARG C 221 26.51 7.98 12.77
CA ARG C 221 27.54 7.68 13.72
C ARG C 221 26.71 7.30 14.93
N GLY C 222 26.21 6.05 14.83
CA GLY C 222 25.37 5.55 15.95
C GLY C 222 24.02 6.22 15.79
N ASP C 223 23.69 7.04 16.78
CA ASP C 223 22.47 7.74 16.83
C ASP C 223 22.61 9.12 16.19
N GLN C 224 23.84 9.64 16.22
CA GLN C 224 24.10 10.92 15.69
C GLN C 224 24.03 10.90 14.14
N GLU C 225 23.18 11.77 13.56
CA GLU C 225 22.97 11.91 12.21
C GLU C 225 24.26 12.62 11.88
N GLN C 226 24.65 12.63 10.59
CA GLN C 226 25.87 13.35 10.24
C GLN C 226 25.35 14.33 9.23
N GLN C 227 25.09 15.54 9.59
CA GLN C 227 24.63 16.56 8.64
C GLN C 227 25.91 16.84 7.85
N GLY C 228 25.72 17.16 6.64
CA GLY C 228 26.99 17.39 5.81
C GLY C 228 26.91 16.32 4.70
N THR C 229 26.16 15.26 5.03
CA THR C 229 25.97 14.23 4.02
C THR C 229 25.42 14.97 2.81
N HIS C 230 25.73 14.57 1.57
CA HIS C 230 25.18 15.17 0.41
C HIS C 230 24.50 14.16 -0.42
N ARG C 231 23.22 14.31 -0.66
CA ARG C 231 22.43 13.39 -1.47
C ARG C 231 22.59 13.98 -2.84
N GLY C 232 22.70 13.12 -3.85
CA GLY C 232 22.79 13.54 -5.25
C GLY C 232 21.52 13.53 -6.01
N ASP C 233 21.56 13.27 -7.28
CA ASP C 233 20.41 13.23 -8.14
C ASP C 233 19.88 11.80 -8.25
N PHE C 234 18.57 11.65 -8.47
CA PHE C 234 17.96 10.37 -8.64
C PHE C 234 18.21 10.05 -9.98
N LEU C 235 18.94 8.94 -10.18
CA LEU C 235 19.24 8.48 -11.47
C LEU C 235 18.45 7.27 -11.81
N PRO C 236 17.94 7.11 -12.99
CA PRO C 236 17.14 5.91 -13.47
C PRO C 236 17.92 4.67 -13.75
N ASN C 237 17.09 3.52 -13.80
CA ASN C 237 17.63 2.22 -14.09
C ASN C 237 16.82 1.78 -15.24
N ALA C 238 17.32 0.90 -16.05
CA ALA C 238 16.50 0.31 -17.16
C ALA C 238 15.13 -0.24 -16.63
N ASP C 239 15.14 -0.82 -15.43
CA ASP C 239 13.87 -1.42 -14.87
C ASP C 239 12.99 -0.42 -14.14
N GLU C 240 13.07 0.86 -14.64
CA GLU C 240 12.30 1.95 -14.07
C GLU C 240 12.38 2.11 -12.56
N THR C 241 13.42 1.69 -11.95
CA THR C 241 13.61 1.87 -10.50
C THR C 241 14.67 3.01 -10.48
N TRP C 242 14.98 3.41 -9.21
CA TRP C 242 15.92 4.52 -9.01
C TRP C 242 17.31 4.25 -8.52
N TYR C 243 18.08 5.30 -8.58
CA TYR C 243 19.43 5.29 -8.06
C TYR C 243 19.69 6.58 -7.38
N LEU C 244 20.46 6.48 -6.26
CA LEU C 244 20.81 7.73 -5.55
C LEU C 244 22.00 7.39 -4.69
N GLN C 245 22.97 8.23 -4.67
CA GLN C 245 24.10 8.03 -3.85
C GLN C 245 24.30 9.25 -2.96
N ALA C 246 24.67 9.07 -1.70
CA ALA C 246 24.91 10.15 -0.77
C ALA C 246 26.33 10.08 -0.26
N THR C 247 27.03 11.14 -0.35
CA THR C 247 28.45 11.19 0.11
C THR C 247 28.69 12.00 1.39
N LEU C 248 29.86 11.80 1.94
CA LEU C 248 30.26 12.44 3.16
C LEU C 248 31.78 12.62 3.09
N ASP C 249 32.22 13.86 3.30
CA ASP C 249 33.65 14.13 3.24
C ASP C 249 34.10 14.11 4.67
N VAL C 250 34.91 13.08 4.97
CA VAL C 250 35.51 12.89 6.21
C VAL C 250 37.01 12.93 6.17
N GLU C 251 37.61 13.33 7.30
CA GLU C 251 39.00 13.34 7.32
C GLU C 251 39.34 11.93 7.79
N ALA C 252 40.60 11.49 7.67
CA ALA C 252 41.00 10.19 8.11
C ALA C 252 41.12 10.14 9.62
N GLY C 253 41.04 8.93 10.16
CA GLY C 253 41.08 8.83 11.61
C GLY C 253 39.73 8.44 12.29
N GLU C 254 38.72 9.22 11.97
CA GLU C 254 37.44 8.89 12.58
C GLU C 254 36.44 8.22 11.59
N GLU C 255 36.86 7.84 10.42
CA GLU C 255 35.98 7.15 9.47
C GLU C 255 35.55 5.84 10.04
N ALA C 256 36.03 5.56 11.29
CA ALA C 256 35.67 4.36 11.98
C ALA C 256 34.45 4.62 12.93
N GLY C 257 33.36 3.89 12.66
CA GLY C 257 32.19 4.08 13.45
C GLY C 257 30.92 4.64 12.71
N LEU C 258 31.22 5.44 11.68
CA LEU C 258 30.13 6.06 10.94
C LEU C 258 29.60 5.01 9.89
N ALA C 259 28.31 5.11 9.47
CA ALA C 259 27.69 4.14 8.57
C ALA C 259 26.53 4.73 7.77
N CYS C 260 25.96 3.87 6.85
CA CYS C 260 24.86 4.26 6.05
C CYS C 260 23.43 3.72 6.56
N ARG C 261 22.52 4.69 6.71
CA ARG C 261 21.15 4.33 7.12
C ARG C 261 20.18 4.62 6.06
N VAL C 262 19.78 3.64 5.26
CA VAL C 262 18.87 3.86 4.15
C VAL C 262 17.51 3.49 4.57
N LYS C 263 16.52 4.37 4.60
CA LYS C 263 15.16 3.94 4.97
C LYS C 263 14.39 3.99 3.68
N HIS C 264 13.46 3.08 3.49
CA HIS C 264 12.63 3.14 2.32
C HIS C 264 11.30 2.51 2.69
N SER C 265 10.25 2.95 1.95
CA SER C 265 8.88 2.46 2.26
C SER C 265 8.68 0.93 2.11
N SER C 266 9.61 0.31 1.28
CA SER C 266 9.53 -1.13 1.12
C SER C 266 10.51 -1.86 2.00
N LEU C 267 10.70 -1.48 3.19
CA LEU C 267 11.63 -2.13 4.12
C LEU C 267 11.16 -2.44 5.55
N GLY C 268 11.12 -1.46 6.40
CA GLY C 268 10.72 -1.53 7.78
C GLY C 268 11.93 -1.51 8.66
N GLY C 269 12.79 -2.60 8.53
CA GLY C 269 13.98 -2.69 9.33
C GLY C 269 15.02 -2.44 8.26
N GLN C 270 15.52 -1.19 8.22
CA GLN C 270 16.47 -0.74 7.27
C GLN C 270 18.00 -1.08 7.22
N ASP C 271 18.53 -0.93 6.11
CA ASP C 271 19.95 -1.16 5.81
C ASP C 271 20.86 -0.13 6.48
N ILE C 272 21.63 -0.62 7.45
CA ILE C 272 22.63 0.18 8.14
C ILE C 272 24.02 -0.48 7.90
N ILE C 273 24.60 -0.22 6.76
CA ILE C 273 25.94 -0.81 6.44
C ILE C 273 27.03 0.02 7.07
N LEU C 274 27.71 -0.49 8.09
CA LEU C 274 28.86 0.27 8.68
C LEU C 274 30.11 0.18 7.88
N TYR C 275 30.92 1.21 7.82
CA TYR C 275 32.18 1.24 7.11
C TYR C 275 33.17 0.20 7.64
N TRP C 276 32.84 -0.33 8.83
CA TRP C 276 33.62 -1.32 9.57
C TRP C 276 34.62 -0.53 10.39
N ILE D 1 19.11 26.71 -27.31
CA ILE D 1 19.70 26.40 -28.60
C ILE D 1 20.78 25.31 -28.62
N GLN D 2 21.94 25.55 -28.01
CA GLN D 2 23.04 24.57 -27.93
C GLN D 2 23.47 24.37 -26.52
N LYS D 3 23.32 23.10 -26.03
CA LYS D 3 23.68 22.73 -24.65
C LYS D 3 24.69 21.53 -24.78
N THR D 4 25.56 21.34 -23.82
CA THR D 4 26.47 20.23 -23.79
C THR D 4 25.97 19.18 -22.80
N PRO D 5 25.94 17.94 -23.32
CA PRO D 5 25.49 16.82 -22.49
C PRO D 5 26.25 16.46 -21.17
N GLN D 6 25.50 16.38 -20.10
CA GLN D 6 25.96 15.98 -18.83
C GLN D 6 25.99 14.44 -19.01
N ILE D 7 27.13 13.82 -18.65
CA ILE D 7 27.16 12.34 -18.78
C ILE D 7 27.38 11.69 -17.40
N GLN D 8 26.73 10.54 -17.22
CA GLN D 8 26.83 9.80 -15.82
C GLN D 8 26.86 8.27 -16.01
N VAL D 9 27.89 7.66 -15.42
CA VAL D 9 28.10 6.21 -15.60
C VAL D 9 27.93 5.61 -14.22
N TYR D 10 27.17 4.50 -14.07
CA TYR D 10 26.83 3.84 -12.83
C TYR D 10 26.15 2.47 -12.98
N SER D 11 26.50 1.54 -12.01
CA SER D 11 25.99 0.23 -12.02
C SER D 11 24.56 0.21 -11.52
N ARG D 12 23.94 -1.00 -11.65
CA ARG D 12 22.54 -1.24 -11.15
C ARG D 12 22.65 -1.97 -9.89
N HIS D 13 23.63 -2.86 -9.80
CA HIS D 13 23.83 -3.69 -8.55
C HIS D 13 25.21 -3.44 -8.09
N PRO D 14 25.56 -3.87 -6.89
CA PRO D 14 26.95 -3.62 -6.43
C PRO D 14 27.96 -4.32 -7.40
N PRO D 15 28.84 -3.61 -7.94
CA PRO D 15 29.88 -4.08 -8.86
C PRO D 15 30.88 -5.11 -8.33
N GLU D 16 30.43 -6.38 -8.28
CA GLU D 16 31.20 -7.47 -7.77
C GLU D 16 32.06 -7.99 -8.96
N ASN D 17 33.25 -8.57 -8.67
CA ASN D 17 34.05 -9.08 -9.75
C ASN D 17 33.69 -10.47 -10.28
N GLY D 18 33.68 -10.65 -11.51
CA GLY D 18 33.32 -11.91 -12.09
C GLY D 18 31.78 -12.13 -12.20
N LYS D 19 31.04 -11.44 -11.36
CA LYS D 19 29.58 -11.50 -11.31
C LYS D 19 28.91 -10.53 -12.28
N PRO D 20 27.84 -10.93 -12.97
CA PRO D 20 26.97 -10.17 -13.91
C PRO D 20 26.32 -8.91 -13.29
N ASN D 21 26.27 -7.84 -14.00
CA ASN D 21 25.67 -6.53 -13.58
C ASN D 21 25.24 -5.76 -14.84
N ILE D 22 24.68 -4.58 -14.64
CA ILE D 22 24.31 -3.76 -15.84
C ILE D 22 24.90 -2.36 -15.59
N LEU D 23 25.50 -1.85 -16.67
CA LEU D 23 26.07 -0.50 -16.60
C LEU D 23 25.13 0.53 -17.25
N ASN D 24 24.63 1.46 -16.51
CA ASN D 24 23.80 2.52 -17.08
C ASN D 24 24.62 3.76 -17.51
N CYS D 25 24.39 4.34 -18.69
CA CYS D 25 25.10 5.54 -19.06
C CYS D 25 23.94 6.49 -19.33
N TYR D 26 23.78 7.44 -18.42
CA TYR D 26 22.75 8.47 -18.56
C TYR D 26 23.19 9.82 -18.96
N VAL D 27 22.78 10.27 -20.18
CA VAL D 27 23.21 11.57 -20.76
C VAL D 27 21.95 12.47 -20.58
N THR D 28 22.25 13.76 -20.27
CA THR D 28 21.10 14.67 -20.02
C THR D 28 21.43 16.06 -20.44
N GLN D 29 20.52 16.96 -20.08
CA GLN D 29 20.68 18.38 -20.28
C GLN D 29 21.06 18.85 -21.65
N PHE D 30 21.17 17.98 -22.66
CA PHE D 30 21.49 18.40 -23.95
C PHE D 30 20.33 18.93 -24.80
N HIS D 31 20.66 19.52 -25.95
CA HIS D 31 19.67 20.07 -26.85
C HIS D 31 20.56 20.62 -27.90
N PRO D 32 20.32 20.26 -29.24
CA PRO D 32 19.38 19.43 -29.92
C PRO D 32 19.31 17.90 -29.47
N PRO D 33 18.13 17.25 -29.72
CA PRO D 33 17.92 15.91 -29.48
C PRO D 33 18.57 14.93 -30.42
N HIS D 34 19.71 15.37 -30.89
CA HIS D 34 20.37 14.52 -31.89
C HIS D 34 21.79 14.43 -31.39
N ILE D 35 22.03 13.18 -30.85
CA ILE D 35 23.32 12.94 -30.27
C ILE D 35 23.46 11.38 -30.42
N GLU D 36 24.76 10.92 -30.52
CA GLU D 36 24.91 9.47 -30.59
C GLU D 36 25.92 9.03 -29.47
N ILE D 37 25.31 8.10 -28.71
CA ILE D 37 26.04 7.50 -27.58
C ILE D 37 26.68 6.17 -27.98
N GLN D 38 27.87 5.96 -27.42
CA GLN D 38 28.64 4.72 -27.70
C GLN D 38 29.10 4.19 -26.38
N MET D 39 28.99 2.93 -26.15
CA MET D 39 29.49 2.26 -24.92
C MET D 39 30.75 1.45 -25.18
N LEU D 40 31.82 1.84 -24.50
CA LEU D 40 33.16 1.25 -24.69
C LEU D 40 33.63 0.33 -23.51
N LYS D 41 34.19 -0.77 -23.93
CA LYS D 41 34.70 -1.75 -23.05
C LYS D 41 36.11 -2.03 -23.52
N ASN D 42 37.10 -1.21 -22.97
CA ASN D 42 38.53 -1.31 -23.29
C ASN D 42 38.88 -0.58 -24.61
N GLY D 43 37.99 0.35 -25.03
CA GLY D 43 38.23 1.04 -26.29
C GLY D 43 37.40 0.53 -27.49
N LYS D 44 36.91 -0.67 -27.27
CA LYS D 44 36.03 -1.37 -28.22
C LYS D 44 34.61 -1.13 -27.93
N LYS D 45 33.74 -0.94 -28.89
CA LYS D 45 32.27 -0.75 -28.66
C LYS D 45 31.56 -1.95 -28.29
N ILE D 46 30.72 -1.87 -27.28
CA ILE D 46 29.90 -3.11 -26.85
C ILE D 46 28.84 -3.17 -27.96
N PRO D 47 28.72 -4.24 -28.68
CA PRO D 47 27.66 -4.37 -29.70
C PRO D 47 26.22 -4.33 -29.29
N LYS D 48 25.89 -4.92 -28.14
CA LYS D 48 24.50 -4.97 -27.64
C LYS D 48 24.36 -3.91 -26.51
N VAL D 49 23.83 -2.77 -26.86
CA VAL D 49 23.58 -1.66 -25.88
C VAL D 49 22.14 -1.26 -26.15
N GLU D 50 21.37 -1.02 -25.13
CA GLU D 50 20.01 -0.53 -25.29
C GLU D 50 19.81 0.86 -24.77
N MET D 51 19.01 1.64 -25.51
CA MET D 51 18.71 3.00 -25.06
C MET D 51 17.21 3.12 -24.89
N SER D 52 16.89 4.07 -23.93
CA SER D 52 15.53 4.34 -23.58
C SER D 52 15.01 5.32 -24.59
N ASP D 53 13.69 5.61 -24.62
CA ASP D 53 13.17 6.51 -25.55
C ASP D 53 13.60 7.95 -25.07
N MET D 54 13.92 8.86 -26.01
CA MET D 54 14.27 10.20 -25.64
C MET D 54 13.02 10.94 -25.16
N SER D 55 13.24 11.78 -24.15
CA SER D 55 12.10 12.54 -23.59
C SER D 55 12.79 13.77 -23.15
N PHE D 56 12.05 14.81 -22.74
CA PHE D 56 12.63 16.01 -22.23
C PHE D 56 12.04 16.36 -20.89
N SER D 57 12.75 17.05 -20.03
CA SER D 57 12.33 17.43 -18.72
C SER D 57 11.60 18.76 -18.91
N LYS D 58 10.91 19.23 -17.81
CA LYS D 58 10.11 20.44 -17.98
C LYS D 58 10.94 21.67 -18.14
N ASP D 59 12.28 21.49 -18.02
CA ASP D 59 13.21 22.69 -18.30
C ASP D 59 13.47 22.56 -19.76
N TRP D 60 12.80 21.65 -20.49
CA TRP D 60 12.89 21.38 -21.87
C TRP D 60 14.20 20.69 -22.43
N SER D 61 15.17 20.48 -21.57
CA SER D 61 16.50 19.90 -22.03
C SER D 61 16.19 18.40 -22.21
N PHE D 62 16.93 17.71 -23.05
CA PHE D 62 16.69 16.27 -23.29
C PHE D 62 17.37 15.31 -22.33
N TYR D 63 17.08 14.00 -22.49
CA TYR D 63 17.64 12.95 -21.64
C TYR D 63 17.39 11.53 -22.16
N ILE D 64 18.39 10.69 -21.88
CA ILE D 64 18.35 9.33 -22.38
C ILE D 64 19.32 8.49 -21.59
N LEU D 65 19.04 7.22 -21.59
CA LEU D 65 19.72 6.27 -20.75
C LEU D 65 20.15 5.11 -21.68
N ALA D 66 21.41 5.05 -22.05
CA ALA D 66 21.84 3.95 -22.81
C ALA D 66 22.26 3.05 -21.65
N HIS D 67 22.31 1.78 -21.90
CA HIS D 67 22.66 0.84 -20.79
C HIS D 67 23.08 -0.47 -21.43
N THR D 68 24.00 -1.17 -20.83
CA THR D 68 24.37 -2.46 -21.35
C THR D 68 24.43 -3.50 -20.19
N GLU D 69 24.76 -4.66 -20.63
CA GLU D 69 24.87 -5.83 -19.70
C GLU D 69 26.42 -5.93 -19.68
N PHE D 70 26.99 -5.79 -18.49
CA PHE D 70 28.39 -5.91 -18.29
C PHE D 70 28.76 -6.72 -17.10
N THR D 71 30.06 -7.19 -17.08
CA THR D 71 30.48 -7.96 -15.95
C THR D 71 31.74 -7.23 -15.46
N PRO D 72 31.82 -6.88 -14.20
CA PRO D 72 32.97 -6.24 -13.58
C PRO D 72 34.24 -7.09 -13.45
N THR D 73 35.38 -6.59 -13.87
CA THR D 73 36.67 -7.31 -13.78
C THR D 73 37.87 -6.50 -13.38
N GLU D 74 38.79 -7.20 -12.65
CA GLU D 74 40.04 -6.60 -12.13
C GLU D 74 40.94 -5.98 -13.26
N THR D 75 40.69 -6.48 -14.43
CA THR D 75 41.40 -5.99 -15.62
C THR D 75 40.65 -5.20 -16.62
N ASP D 76 39.46 -4.85 -16.39
CA ASP D 76 38.59 -4.08 -17.33
C ASP D 76 38.11 -2.67 -17.05
N THR D 77 38.08 -1.90 -18.13
CA THR D 77 37.53 -0.53 -18.03
C THR D 77 36.39 -0.37 -19.03
N TYR D 78 35.34 0.37 -18.57
CA TYR D 78 34.11 0.54 -19.34
C TYR D 78 33.95 2.06 -19.35
N ALA D 79 33.29 2.57 -20.38
CA ALA D 79 33.12 3.97 -20.50
C ALA D 79 31.94 4.31 -21.36
N CYS D 80 31.71 5.61 -21.59
CA CYS D 80 30.60 6.00 -22.40
C CYS D 80 31.00 7.26 -23.28
N ARG D 81 31.16 7.09 -24.55
CA ARG D 81 31.50 8.11 -25.38
C ARG D 81 30.29 8.71 -26.08
N VAL D 82 30.08 10.04 -25.85
CA VAL D 82 28.99 10.67 -26.47
C VAL D 82 29.38 11.80 -27.45
N LYS D 83 28.82 11.67 -28.65
CA LYS D 83 29.14 12.64 -29.79
C LYS D 83 27.94 13.66 -29.90
N HIS D 84 28.16 14.92 -29.65
CA HIS D 84 27.13 15.95 -29.80
C HIS D 84 27.77 17.19 -30.45
N ASP D 85 26.91 17.94 -31.13
CA ASP D 85 27.48 19.08 -31.89
C ASP D 85 27.95 20.21 -30.94
N SER D 86 27.45 20.25 -29.81
CA SER D 86 27.79 21.23 -28.77
C SER D 86 29.24 20.96 -28.53
N MET D 87 29.63 19.76 -28.56
CA MET D 87 30.94 19.22 -28.32
C MET D 87 31.74 19.41 -29.55
N ALA D 88 32.92 19.94 -29.39
CA ALA D 88 33.90 20.20 -30.47
C ALA D 88 34.49 18.83 -30.81
N GLU D 89 34.58 17.97 -29.77
CA GLU D 89 35.02 16.57 -29.80
C GLU D 89 34.36 15.69 -28.74
N PRO D 90 33.91 14.45 -29.08
CA PRO D 90 33.30 13.50 -28.19
C PRO D 90 33.91 13.50 -26.80
N LYS D 91 33.05 13.39 -25.82
CA LYS D 91 33.44 13.32 -24.45
C LYS D 91 33.32 11.81 -24.02
N THR D 92 34.22 11.42 -23.20
CA THR D 92 34.24 10.06 -22.72
C THR D 92 34.46 10.09 -21.22
N VAL D 93 33.50 9.52 -20.49
CA VAL D 93 33.60 9.48 -19.12
C VAL D 93 33.93 8.02 -18.82
N TYR D 94 34.74 7.72 -17.85
CA TYR D 94 35.01 6.35 -17.65
C TYR D 94 34.29 5.81 -16.37
N TRP D 95 34.07 4.53 -16.36
CA TRP D 95 33.46 4.02 -15.14
C TRP D 95 34.49 3.77 -14.01
N ASP D 96 34.13 4.14 -12.83
CA ASP D 96 34.89 3.97 -11.63
C ASP D 96 34.35 2.63 -11.00
N ARG D 97 35.10 1.85 -10.27
CA ARG D 97 34.62 0.62 -9.65
C ARG D 97 33.92 0.96 -8.39
N ASP D 98 33.06 2.00 -8.44
CA ASP D 98 32.30 2.36 -7.19
C ASP D 98 30.84 2.44 -7.56
N MET D 99 30.55 3.35 -8.53
CA MET D 99 29.21 3.66 -8.96
C MET D 99 28.52 2.44 -9.66
#